data_7SCR
#
_entry.id   7SCR
#
_cell.length_a   61.253
_cell.length_b   107.298
_cell.length_c   117.165
_cell.angle_alpha   90.0
_cell.angle_beta   96.759
_cell.angle_gamma   90.0
#
_symmetry.space_group_name_H-M   'P 1 21 1'
#
loop_
_entity.id
_entity.type
_entity.pdbx_description
1 polymer 'Hypoxanthine-guanine phosphoribosyltransferase'
2 non-polymer '({(2S)-3-(2-amino-6-oxo-1,6-dihydro-9H-purin-9-yl)-2-[(2S)-2-hydroxy-2-phosphonoethoxy]propoxy}methyl)phosphonic acid'
3 water water
#
_entity_poly.entity_id   1
_entity_poly.type   'polypeptide(L)'
_entity_poly.pdbx_seq_one_letter_code
;MGSSHHHHHHDYDIPTTENLYFQGHMASMTGGQQMGRGSHSGHPLKPNVVGRDADGNVTVDGRSYPMAESVVATESTIHR
SMKEMAQTLANAYKTLKHRDTHNKGNSALAPITDENPLIIISVLKGSYIFTADMVRYLGDCGLPNVVDFIRITSYRGTTK
SSGTVQVLDNLRFTELTGKHVLIMEDIADTGRTMKLLVEKIRREYRPASLKVCVLVDKPGGRVVDFKPEFVCLTAPTRYV
VGYGFEVNDRYRNYRHVFVLKPEYAKRYPSKL
;
_entity_poly.pdbx_strand_id   A,C,B,D,E,F
#
# COMPACT_ATOMS: atom_id res chain seq x y z
N LEU A 45 0.22 -4.15 0.14
CA LEU A 45 -0.16 -5.44 0.69
C LEU A 45 -1.40 -6.01 -0.01
N LYS A 46 -1.83 -5.32 -1.06
CA LYS A 46 -2.94 -5.79 -1.90
C LYS A 46 -2.56 -7.09 -2.59
N PRO A 47 -3.46 -8.08 -2.58
CA PRO A 47 -3.22 -9.37 -3.22
C PRO A 47 -3.04 -9.24 -4.73
N ASN A 48 -1.97 -9.83 -5.27
CA ASN A 48 -1.68 -9.70 -6.68
C ASN A 48 -2.03 -10.94 -7.48
N VAL A 49 -2.56 -10.73 -8.67
CA VAL A 49 -3.01 -11.83 -9.53
C VAL A 49 -2.02 -12.08 -10.64
N VAL A 50 -1.45 -13.29 -10.66
CA VAL A 50 -0.50 -13.67 -11.69
C VAL A 50 -1.20 -14.51 -12.76
N GLY A 51 -1.02 -14.14 -14.02
CA GLY A 51 -1.61 -14.88 -15.12
C GLY A 51 -0.85 -14.79 -16.42
N ARG A 52 -1.54 -15.07 -17.52
CA ARG A 52 -0.97 -14.94 -18.86
C ARG A 52 -1.95 -14.22 -19.78
N ASP A 53 -1.42 -13.36 -20.66
CA ASP A 53 -2.25 -12.69 -21.65
C ASP A 53 -2.46 -13.59 -22.87
N ALA A 54 -2.98 -13.01 -23.94
CA ALA A 54 -3.25 -13.75 -25.16
C ALA A 54 -1.95 -14.15 -25.87
N ASP A 55 -0.93 -13.31 -25.74
CA ASP A 55 0.35 -13.55 -26.39
C ASP A 55 1.19 -14.59 -25.65
N GLY A 56 0.84 -14.84 -24.40
CA GLY A 56 1.54 -15.83 -23.61
C GLY A 56 2.59 -15.21 -22.69
N ASN A 57 2.52 -13.89 -22.53
CA ASN A 57 3.43 -13.20 -21.64
C ASN A 57 2.93 -13.20 -20.21
N VAL A 58 3.87 -13.25 -19.27
CA VAL A 58 3.54 -13.19 -17.85
C VAL A 58 2.91 -11.85 -17.52
N THR A 59 1.73 -11.89 -16.89
CA THR A 59 1.06 -10.67 -16.46
CA THR A 59 1.09 -10.66 -16.46
C THR A 59 0.83 -10.67 -14.96
N VAL A 60 0.85 -9.49 -14.35
CA VAL A 60 0.53 -9.34 -12.94
C VAL A 60 -0.45 -8.19 -12.80
N ASP A 61 -1.65 -8.50 -12.33
CA ASP A 61 -2.74 -7.53 -12.22
C ASP A 61 -3.03 -6.84 -13.54
N GLY A 62 -3.12 -7.64 -14.62
CA GLY A 62 -3.47 -7.12 -15.92
C GLY A 62 -2.31 -6.53 -16.71
N ARG A 63 -1.25 -6.14 -15.99
CA ARG A 63 -0.07 -5.55 -16.62
CA ARG A 63 -0.07 -5.55 -16.62
C ARG A 63 0.85 -6.63 -17.15
N SER A 64 1.18 -6.56 -18.43
CA SER A 64 2.03 -7.57 -19.05
C SER A 64 3.52 -7.25 -18.89
N TYR A 65 4.31 -8.29 -18.65
CA TYR A 65 5.76 -8.16 -18.51
C TYR A 65 6.48 -9.12 -19.45
N PRO A 66 6.63 -8.72 -20.73
CA PRO A 66 7.17 -9.59 -21.78
C PRO A 66 8.60 -10.09 -21.49
N MET A 67 9.34 -9.38 -20.64
CA MET A 67 10.72 -9.75 -20.34
CA MET A 67 10.72 -9.76 -20.35
C MET A 67 10.78 -10.87 -19.30
N ALA A 68 9.65 -11.14 -18.66
CA ALA A 68 9.60 -12.10 -17.56
C ALA A 68 9.27 -13.51 -18.01
N GLU A 69 10.00 -14.47 -17.45
CA GLU A 69 9.75 -15.89 -17.71
C GLU A 69 8.79 -16.44 -16.67
N SER A 70 8.94 -16.01 -15.44
CA SER A 70 8.04 -16.38 -14.34
C SER A 70 8.08 -15.33 -13.24
N VAL A 71 7.32 -15.57 -12.17
CA VAL A 71 7.27 -14.63 -11.05
C VAL A 71 7.93 -15.22 -9.80
N VAL A 72 8.92 -14.50 -9.27
CA VAL A 72 9.60 -14.90 -8.05
C VAL A 72 8.80 -14.48 -6.83
N ALA A 73 8.34 -13.23 -6.84
CA ALA A 73 7.56 -12.67 -5.74
C ALA A 73 6.85 -11.38 -6.17
N THR A 74 5.54 -11.34 -5.95
CA THR A 74 4.76 -10.14 -6.24
C THR A 74 5.05 -9.05 -5.21
N GLU A 75 4.52 -7.85 -5.44
CA GLU A 75 4.72 -6.73 -4.54
C GLU A 75 4.21 -7.05 -3.14
N SER A 76 3.07 -7.73 -3.07
CA SER A 76 2.46 -8.12 -1.81
C SER A 76 3.37 -9.02 -0.99
N THR A 77 3.96 -10.01 -1.65
CA THR A 77 4.86 -10.95 -0.99
C THR A 77 6.11 -10.23 -0.49
N ILE A 78 6.64 -9.34 -1.33
CA ILE A 78 7.85 -8.60 -1.01
C ILE A 78 7.67 -7.72 0.23
N HIS A 79 6.59 -6.95 0.26
CA HIS A 79 6.36 -6.05 1.38
C HIS A 79 5.99 -6.79 2.65
N ARG A 80 5.30 -7.92 2.51
CA ARG A 80 4.95 -8.72 3.68
C ARG A 80 6.20 -9.24 4.38
N SER A 81 7.18 -9.70 3.60
CA SER A 81 8.41 -10.23 4.15
CA SER A 81 8.41 -10.23 4.17
C SER A 81 9.33 -9.12 4.67
N MET A 82 9.15 -7.91 4.15
CA MET A 82 9.95 -6.77 4.61
C MET A 82 9.39 -6.19 5.90
N LYS A 83 8.08 -6.28 6.08
CA LYS A 83 7.46 -5.83 7.33
C LYS A 83 7.84 -6.75 8.47
N GLU A 84 7.89 -8.04 8.20
CA GLU A 84 8.29 -9.01 9.22
C GLU A 84 9.78 -8.93 9.47
N MET A 85 10.55 -8.66 8.42
CA MET A 85 11.99 -8.48 8.54
C MET A 85 12.32 -7.25 9.38
N ALA A 86 11.54 -6.19 9.20
CA ALA A 86 11.72 -4.97 9.98
C ALA A 86 11.52 -5.27 11.46
N GLN A 87 10.52 -6.08 11.77
CA GLN A 87 10.23 -6.47 13.14
C GLN A 87 11.34 -7.36 13.68
N THR A 88 11.88 -8.21 12.80
CA THR A 88 13.00 -9.07 13.17
C THR A 88 14.23 -8.24 13.50
N LEU A 89 14.54 -7.28 12.62
CA LEU A 89 15.67 -6.39 12.83
C LEU A 89 15.48 -5.52 14.07
N ALA A 90 14.27 -5.02 14.27
CA ALA A 90 13.97 -4.19 15.42
C ALA A 90 14.23 -4.95 16.71
N ASN A 91 13.81 -6.21 16.75
CA ASN A 91 14.00 -7.05 17.93
C ASN A 91 15.47 -7.37 18.17
N ALA A 92 16.25 -7.39 17.10
CA ALA A 92 17.66 -7.78 17.18
C ALA A 92 18.55 -6.63 17.65
N TYR A 93 18.09 -5.40 17.47
CA TYR A 93 18.90 -4.22 17.77
C TYR A 93 18.32 -3.31 18.86
N LYS A 94 17.07 -3.55 19.25
CA LYS A 94 16.35 -2.65 20.16
C LYS A 94 17.08 -2.40 21.47
N THR A 95 17.49 -3.47 22.13
CA THR A 95 18.12 -3.39 23.45
C THR A 95 19.65 -3.42 23.41
N LEU A 96 20.20 -3.22 22.22
CA LEU A 96 21.66 -3.26 22.05
C LEU A 96 22.31 -1.93 22.40
N LYS A 97 23.59 -1.99 22.78
CA LYS A 97 24.35 -0.79 23.08
C LYS A 97 25.61 -0.71 22.24
N HIS A 98 26.02 0.51 21.92
CA HIS A 98 27.26 0.73 21.18
C HIS A 98 27.88 2.06 21.60
N ARG A 99 29.00 2.42 20.98
CA ARG A 99 29.76 3.59 21.42
C ARG A 99 28.98 4.89 21.25
N ASP A 100 29.06 5.75 22.26
CA ASP A 100 28.40 7.05 22.26
C ASP A 100 29.24 8.08 21.52
N THR A 101 28.73 8.56 20.39
CA THR A 101 29.41 9.62 19.64
C THR A 101 28.61 10.92 19.67
N HIS A 102 27.42 10.88 20.25
CA HIS A 102 26.64 12.09 20.42
C HIS A 102 27.26 12.95 21.52
N ASN A 103 27.55 12.31 22.64
CA ASN A 103 28.31 12.93 23.71
C ASN A 103 29.65 12.23 23.85
N LYS A 104 30.72 12.91 23.43
CA LYS A 104 32.05 12.31 23.46
C LYS A 104 32.65 12.34 24.86
N GLY A 105 32.00 13.06 25.76
CA GLY A 105 32.42 13.13 27.15
C GLY A 105 32.07 11.85 27.90
N ASN A 106 31.13 11.09 27.36
CA ASN A 106 30.69 9.86 28.01
C ASN A 106 31.57 8.67 27.63
N SER A 107 31.81 7.80 28.60
CA SER A 107 32.68 6.64 28.38
C SER A 107 31.88 5.33 28.38
N ALA A 108 30.71 5.36 29.01
CA ALA A 108 29.86 4.18 29.05
C ALA A 108 29.20 3.96 27.70
N LEU A 109 28.81 2.72 27.42
CA LEU A 109 28.10 2.39 26.20
C LEU A 109 26.72 3.00 26.21
N ALA A 110 26.21 3.35 25.02
CA ALA A 110 24.91 3.99 24.90
C ALA A 110 23.94 3.12 24.11
N PRO A 111 22.66 3.13 24.50
CA PRO A 111 21.65 2.37 23.77
C PRO A 111 21.37 2.96 22.39
N ILE A 112 20.66 2.23 21.54
CA ILE A 112 20.36 2.73 20.21
C ILE A 112 19.19 3.72 20.27
N THR A 113 19.50 4.99 20.07
CA THR A 113 18.51 6.06 20.13
C THR A 113 18.68 6.98 18.93
N ASP A 114 18.02 8.14 18.97
CA ASP A 114 18.19 9.14 17.92
C ASP A 114 19.55 9.80 18.04
N GLU A 115 20.11 9.81 19.25
CA GLU A 115 21.43 10.40 19.48
C GLU A 115 22.52 9.48 18.93
N ASN A 116 22.30 8.17 19.02
CA ASN A 116 23.25 7.18 18.54
C ASN A 116 22.55 6.07 17.77
N PRO A 117 22.09 6.38 16.54
CA PRO A 117 21.27 5.46 15.76
C PRO A 117 22.01 4.24 15.24
N LEU A 118 21.24 3.28 14.73
CA LEU A 118 21.82 2.15 14.02
C LEU A 118 22.42 2.66 12.72
N ILE A 119 23.64 2.23 12.41
CA ILE A 119 24.27 2.66 11.17
C ILE A 119 23.93 1.70 10.05
N ILE A 120 23.24 2.20 9.03
CA ILE A 120 22.86 1.39 7.89
C ILE A 120 23.65 1.77 6.64
N ILE A 121 24.36 0.79 6.09
CA ILE A 121 25.11 0.97 4.87
C ILE A 121 24.37 0.34 3.69
N SER A 122 23.88 1.19 2.78
CA SER A 122 23.12 0.72 1.64
C SER A 122 24.01 0.66 0.40
N VAL A 123 23.95 -0.47 -0.32
CA VAL A 123 24.81 -0.69 -1.46
C VAL A 123 24.17 -0.28 -2.77
N LEU A 124 24.62 0.84 -3.32
CA LEU A 124 24.15 1.30 -4.62
C LEU A 124 24.49 0.29 -5.71
N LYS A 125 23.66 0.16 -6.74
CA LYS A 125 22.47 1.01 -6.91
C LYS A 125 21.18 0.29 -6.58
N GLY A 126 21.17 -1.03 -6.76
CA GLY A 126 19.95 -1.82 -6.65
C GLY A 126 19.26 -1.77 -5.32
N SER A 127 19.98 -1.38 -4.27
CA SER A 127 19.43 -1.44 -2.92
C SER A 127 18.67 -0.18 -2.50
N TYR A 128 18.64 0.84 -3.34
CA TYR A 128 18.08 2.12 -2.93
C TYR A 128 16.56 2.10 -2.77
N ILE A 129 15.88 1.26 -3.55
CA ILE A 129 14.43 1.13 -3.42
C ILE A 129 14.12 0.23 -2.22
N PHE A 130 14.85 -0.87 -2.13
CA PHE A 130 14.79 -1.78 -0.98
C PHE A 130 15.01 -1.03 0.33
N THR A 131 16.05 -0.20 0.35
CA THR A 131 16.41 0.57 1.54
C THR A 131 15.31 1.57 1.91
N ALA A 132 14.80 2.28 0.91
CA ALA A 132 13.80 3.31 1.13
C ALA A 132 12.58 2.72 1.82
N ASP A 133 12.13 1.58 1.32
CA ASP A 133 10.98 0.89 1.89
C ASP A 133 11.28 0.37 3.30
N MET A 134 12.46 -0.21 3.48
CA MET A 134 12.82 -0.85 4.74
C MET A 134 13.00 0.13 5.90
N VAL A 135 13.68 1.25 5.66
CA VAL A 135 13.93 2.21 6.73
C VAL A 135 12.61 2.78 7.26
N ARG A 136 11.63 2.93 6.38
CA ARG A 136 10.30 3.36 6.80
C ARG A 136 9.62 2.29 7.64
N TYR A 137 9.82 1.04 7.26
CA TYR A 137 9.29 -0.08 8.04
C TYR A 137 9.98 -0.16 9.40
N LEU A 138 11.28 0.14 9.42
CA LEU A 138 12.04 0.18 10.65
C LEU A 138 11.52 1.28 11.56
N GLY A 139 11.12 2.39 10.96
CA GLY A 139 10.53 3.49 11.69
C GLY A 139 9.21 3.11 12.33
N ASP A 140 8.42 2.30 11.62
CA ASP A 140 7.16 1.78 12.16
C ASP A 140 7.42 0.97 13.42
N CYS A 141 8.52 0.21 13.42
CA CYS A 141 8.90 -0.60 14.56
C CYS A 141 9.72 0.21 15.56
N GLY A 142 9.92 1.50 15.26
CA GLY A 142 10.57 2.41 16.17
C GLY A 142 12.06 2.20 16.35
N LEU A 143 12.74 1.81 15.28
CA LEU A 143 14.19 1.59 15.34
C LEU A 143 14.93 2.77 14.74
N PRO A 144 15.60 3.56 15.59
CA PRO A 144 16.38 4.71 15.13
C PRO A 144 17.52 4.28 14.21
N ASN A 145 17.64 4.93 13.06
CA ASN A 145 18.67 4.56 12.10
C ASN A 145 19.05 5.71 11.18
N VAL A 146 20.25 5.63 10.63
CA VAL A 146 20.70 6.55 9.61
C VAL A 146 21.32 5.76 8.45
N VAL A 147 21.24 6.32 7.25
CA VAL A 147 21.70 5.61 6.07
C VAL A 147 22.79 6.36 5.32
N ASP A 148 23.88 5.66 5.03
CA ASP A 148 24.88 6.16 4.10
C ASP A 148 25.03 5.17 2.95
N PHE A 149 25.27 5.68 1.75
CA PHE A 149 25.33 4.84 0.57
C PHE A 149 26.76 4.58 0.11
N ILE A 150 26.97 3.40 -0.46
CA ILE A 150 28.25 3.05 -1.07
CA ILE A 150 28.24 3.06 -1.08
C ILE A 150 27.98 2.38 -2.42
N ARG A 151 28.82 2.66 -3.41
CA ARG A 151 28.63 2.09 -4.74
CA ARG A 151 28.62 2.07 -4.72
C ARG A 151 29.71 1.05 -5.02
N ILE A 152 29.30 -0.20 -5.18
CA ILE A 152 30.24 -1.30 -5.42
C ILE A 152 29.85 -2.09 -6.66
N THR A 153 30.83 -2.33 -7.53
CA THR A 153 30.63 -3.17 -8.71
C THR A 153 31.88 -4.00 -8.98
N SER A 154 31.84 -5.27 -8.57
CA SER A 154 32.98 -6.17 -8.72
C SER A 154 33.04 -6.77 -10.12
N LEU A 168 35.00 1.96 -4.48
CA LEU A 168 34.63 2.66 -5.72
C LEU A 168 33.93 3.99 -5.42
N ASP A 169 33.24 4.04 -4.28
CA ASP A 169 32.54 5.25 -3.83
C ASP A 169 32.26 5.13 -2.34
N ASN A 170 33.26 5.47 -1.52
CA ASN A 170 33.23 5.18 -0.09
C ASN A 170 32.17 5.93 0.71
N LEU A 171 32.09 5.60 1.99
CA LEU A 171 31.14 6.23 2.91
C LEU A 171 31.52 7.67 3.20
N ARG A 172 30.54 8.44 3.67
CA ARG A 172 30.80 9.78 4.19
C ARG A 172 30.89 9.72 5.71
N PHE A 173 30.25 8.71 6.29
CA PHE A 173 30.30 8.48 7.72
C PHE A 173 31.71 8.09 8.14
N THR A 174 32.15 8.59 9.29
CA THR A 174 33.51 8.34 9.76
C THR A 174 33.52 7.68 11.14
N GLU A 175 32.38 7.68 11.82
CA GLU A 175 32.29 7.10 13.16
C GLU A 175 31.57 5.76 13.15
N LEU A 176 32.24 4.72 12.68
CA LEU A 176 31.67 3.38 12.62
C LEU A 176 32.30 2.45 13.66
N THR A 177 33.40 2.90 14.26
CA THR A 177 34.09 2.11 15.27
C THR A 177 33.24 1.95 16.51
N GLY A 178 33.13 0.71 16.99
CA GLY A 178 32.36 0.42 18.19
C GLY A 178 30.88 0.66 18.01
N LYS A 179 30.43 0.73 16.76
CA LYS A 179 29.03 0.96 16.43
C LYS A 179 28.37 -0.31 15.91
N HIS A 180 27.06 -0.42 16.07
CA HIS A 180 26.30 -1.49 15.45
C HIS A 180 25.96 -1.10 14.02
N VAL A 181 26.47 -1.86 13.06
CA VAL A 181 26.31 -1.53 11.65
C VAL A 181 25.56 -2.62 10.91
N LEU A 182 24.60 -2.21 10.10
CA LEU A 182 23.83 -3.14 9.28
C LEU A 182 24.00 -2.80 7.81
N ILE A 183 24.41 -3.79 7.02
CA ILE A 183 24.55 -3.57 5.58
C ILE A 183 23.29 -4.02 4.86
N MET A 184 22.73 -3.12 4.05
CA MET A 184 21.54 -3.40 3.27
CA MET A 184 21.54 -3.42 3.28
C MET A 184 21.87 -3.62 1.80
N GLU A 185 21.92 -4.87 1.37
CA GLU A 185 22.20 -5.22 -0.01
C GLU A 185 21.00 -5.90 -0.65
N ASP A 186 20.72 -5.58 -1.92
CA ASP A 186 19.55 -6.10 -2.61
C ASP A 186 19.60 -7.63 -2.77
N ILE A 187 20.74 -8.14 -3.21
CA ILE A 187 20.85 -9.56 -3.53
C ILE A 187 22.22 -10.14 -3.21
N ALA A 188 22.24 -11.41 -2.83
CA ALA A 188 23.47 -12.14 -2.62
C ALA A 188 23.46 -13.42 -3.46
N ASP A 189 24.40 -13.52 -4.40
CA ASP A 189 24.48 -14.66 -5.29
C ASP A 189 25.74 -15.48 -5.01
N THR A 190 26.84 -15.10 -5.64
CA THR A 190 28.12 -15.78 -5.45
C THR A 190 28.68 -15.51 -4.06
N GLY A 191 28.23 -14.40 -3.46
CA GLY A 191 28.64 -14.04 -2.12
C GLY A 191 29.92 -13.24 -2.08
N ARG A 192 30.51 -13.01 -3.25
CA ARG A 192 31.80 -12.33 -3.34
C ARG A 192 31.71 -10.86 -2.97
N THR A 193 30.67 -10.19 -3.47
CA THR A 193 30.47 -8.77 -3.20
C THR A 193 30.37 -8.48 -1.71
N MET A 194 29.56 -9.26 -1.01
CA MET A 194 29.32 -9.01 0.40
C MET A 194 30.48 -9.50 1.28
N LYS A 195 31.10 -10.60 0.90
CA LYS A 195 32.26 -11.12 1.62
C LYS A 195 33.38 -10.08 1.61
N LEU A 196 33.62 -9.50 0.44
CA LEU A 196 34.63 -8.48 0.27
C LEU A 196 34.26 -7.21 1.05
N LEU A 197 32.96 -6.91 1.08
CA LEU A 197 32.49 -5.70 1.75
C LEU A 197 32.53 -5.83 3.26
N VAL A 198 32.24 -7.02 3.77
CA VAL A 198 32.27 -7.27 5.20
C VAL A 198 33.67 -7.12 5.78
N GLU A 199 34.65 -7.76 5.15
CA GLU A 199 36.01 -7.71 5.66
C GLU A 199 36.63 -6.32 5.48
N LYS A 200 36.21 -5.61 4.43
CA LYS A 200 36.67 -4.24 4.20
C LYS A 200 36.18 -3.28 5.29
N ILE A 201 34.88 -3.34 5.58
CA ILE A 201 34.30 -2.49 6.62
C ILE A 201 34.88 -2.87 7.99
N ARG A 202 35.05 -4.16 8.22
CA ARG A 202 35.57 -4.66 9.49
C ARG A 202 37.00 -4.21 9.73
N ARG A 203 37.84 -4.27 8.70
CA ARG A 203 39.23 -3.86 8.81
C ARG A 203 39.38 -2.35 9.00
N GLU A 204 38.62 -1.58 8.23
CA GLU A 204 38.77 -0.13 8.22
C GLU A 204 38.09 0.59 9.39
N TYR A 205 37.09 -0.06 9.99
CA TYR A 205 36.32 0.62 11.04
C TYR A 205 36.25 -0.15 12.36
N ARG A 206 36.28 -1.48 12.27
CA ARG A 206 36.06 -2.36 13.43
C ARG A 206 34.80 -1.98 14.22
N PRO A 207 33.62 -2.16 13.62
CA PRO A 207 32.38 -1.87 14.32
C PRO A 207 32.09 -2.88 15.43
N ALA A 208 31.20 -2.52 16.36
CA ALA A 208 30.80 -3.44 17.42
C ALA A 208 30.13 -4.68 16.84
N SER A 209 29.30 -4.48 15.85
CA SER A 209 28.72 -5.59 15.10
C SER A 209 28.56 -5.20 13.63
N LEU A 210 28.60 -6.21 12.76
CA LEU A 210 28.46 -5.99 11.33
C LEU A 210 27.67 -7.14 10.74
N LYS A 211 26.39 -6.93 10.50
CA LYS A 211 25.56 -7.97 9.93
C LYS A 211 25.05 -7.55 8.56
N VAL A 212 24.48 -8.50 7.83
CA VAL A 212 24.00 -8.22 6.48
C VAL A 212 22.54 -8.58 6.33
N CYS A 213 21.76 -7.65 5.80
CA CYS A 213 20.37 -7.89 5.48
C CYS A 213 20.20 -7.86 3.96
N VAL A 214 19.68 -8.93 3.38
CA VAL A 214 19.42 -8.95 1.96
C VAL A 214 17.93 -9.14 1.66
N LEU A 215 17.46 -8.48 0.61
CA LEU A 215 16.11 -8.68 0.13
C LEU A 215 15.98 -10.09 -0.44
N VAL A 216 16.82 -10.40 -1.42
CA VAL A 216 16.79 -11.70 -2.08
C VAL A 216 18.11 -12.43 -1.89
N ASP A 217 18.04 -13.68 -1.44
CA ASP A 217 19.23 -14.51 -1.33
C ASP A 217 19.18 -15.64 -2.36
N LYS A 218 20.30 -15.86 -3.05
CA LYS A 218 20.41 -16.95 -4.00
C LYS A 218 21.49 -17.93 -3.56
N PRO A 219 21.18 -18.76 -2.55
CA PRO A 219 22.17 -19.64 -1.92
C PRO A 219 22.77 -20.64 -2.90
N GLY A 220 22.00 -21.03 -3.91
CA GLY A 220 22.45 -22.01 -4.88
C GLY A 220 23.59 -21.52 -5.76
N GLY A 221 23.80 -20.21 -5.78
CA GLY A 221 24.83 -19.62 -6.62
C GLY A 221 26.10 -19.26 -5.88
N ARG A 222 26.22 -19.72 -4.64
CA ARG A 222 27.38 -19.41 -3.81
C ARG A 222 28.67 -19.97 -4.38
N VAL A 223 29.75 -19.20 -4.26
CA VAL A 223 31.08 -19.67 -4.62
C VAL A 223 32.03 -19.48 -3.44
N VAL A 224 31.64 -18.60 -2.52
CA VAL A 224 32.43 -18.37 -1.31
C VAL A 224 31.60 -18.64 -0.07
N ASP A 225 32.25 -18.65 1.09
CA ASP A 225 31.58 -18.92 2.35
C ASP A 225 31.01 -17.64 2.96
N PHE A 226 29.77 -17.34 2.62
CA PHE A 226 29.09 -16.15 3.16
C PHE A 226 27.61 -16.41 3.39
N LYS A 227 27.14 -16.06 4.58
CA LYS A 227 25.73 -16.24 4.95
C LYS A 227 25.17 -14.94 5.55
N PRO A 228 24.19 -14.34 4.87
CA PRO A 228 23.52 -13.15 5.40
C PRO A 228 22.71 -13.48 6.66
N GLU A 229 22.88 -12.68 7.71
CA GLU A 229 22.16 -12.91 8.96
C GLU A 229 20.66 -12.75 8.75
N PHE A 230 20.29 -11.79 7.92
CA PHE A 230 18.88 -11.52 7.66
C PHE A 230 18.60 -11.68 6.18
N VAL A 231 17.52 -12.40 5.87
CA VAL A 231 17.13 -12.66 4.49
C VAL A 231 15.62 -12.51 4.32
N CYS A 232 15.20 -11.58 3.47
CA CYS A 232 13.78 -11.35 3.23
CA CYS A 232 13.79 -11.34 3.23
C CYS A 232 13.18 -12.43 2.34
N LEU A 233 13.79 -12.64 1.19
CA LEU A 233 13.30 -13.63 0.24
C LEU A 233 14.41 -14.53 -0.29
N THR A 234 14.04 -15.73 -0.70
CA THR A 234 14.97 -16.62 -1.38
C THR A 234 14.49 -16.80 -2.81
N ALA A 235 15.43 -16.81 -3.75
CA ALA A 235 15.12 -17.03 -5.16
C ALA A 235 15.92 -18.20 -5.69
N PRO A 236 15.43 -18.85 -6.77
CA PRO A 236 16.23 -19.89 -7.41
C PRO A 236 17.45 -19.29 -8.10
N THR A 237 18.43 -20.12 -8.42
CA THR A 237 19.64 -19.63 -9.08
C THR A 237 19.34 -19.21 -10.51
N ARG A 238 18.59 -18.11 -10.65
CA ARG A 238 18.28 -17.52 -11.94
C ARG A 238 18.51 -16.01 -11.87
N TYR A 239 18.71 -15.37 -13.01
CA TYR A 239 18.86 -13.93 -13.04
C TYR A 239 17.48 -13.28 -12.88
N VAL A 240 17.31 -12.51 -11.81
CA VAL A 240 16.02 -11.90 -11.52
C VAL A 240 16.01 -10.42 -11.87
N VAL A 241 14.83 -9.91 -12.20
CA VAL A 241 14.67 -8.49 -12.48
C VAL A 241 13.50 -7.92 -11.71
N GLY A 242 13.45 -6.60 -11.59
CA GLY A 242 12.36 -5.93 -10.92
C GLY A 242 12.68 -5.54 -9.49
N TYR A 243 12.07 -4.47 -9.02
CA TYR A 243 12.24 -3.95 -7.66
C TYR A 243 13.72 -3.84 -7.28
N GLY A 244 14.45 -3.02 -8.02
CA GLY A 244 15.87 -2.85 -7.76
C GLY A 244 16.75 -3.61 -8.73
N PHE A 245 16.33 -4.83 -9.08
CA PHE A 245 17.12 -5.69 -9.96
C PHE A 245 16.96 -5.23 -11.41
N GLU A 246 18.10 -5.16 -12.11
CA GLU A 246 18.16 -4.47 -13.39
CA GLU A 246 18.15 -4.47 -13.40
C GLU A 246 18.72 -5.29 -14.55
N VAL A 247 18.54 -4.76 -15.75
CA VAL A 247 19.21 -5.22 -16.95
C VAL A 247 19.65 -3.95 -17.68
N ASN A 248 20.89 -3.54 -17.43
CA ASN A 248 21.36 -2.23 -17.86
C ASN A 248 20.37 -1.13 -17.43
N ASP A 249 20.06 -1.14 -16.14
CA ASP A 249 19.16 -0.16 -15.49
C ASP A 249 17.70 -0.26 -15.91
N ARG A 250 17.36 -1.23 -16.76
CA ARG A 250 15.96 -1.44 -17.14
C ARG A 250 15.23 -2.30 -16.12
N TYR A 251 13.92 -2.08 -16.01
CA TYR A 251 13.02 -2.90 -15.19
C TYR A 251 13.24 -2.72 -13.68
N ARG A 252 14.11 -1.78 -13.31
CA ARG A 252 14.45 -1.57 -11.91
C ARG A 252 13.24 -1.10 -11.10
N ASN A 253 12.39 -0.30 -11.73
CA ASN A 253 11.26 0.32 -11.05
C ASN A 253 10.00 -0.54 -11.02
N TYR A 254 10.10 -1.79 -11.47
CA TYR A 254 8.95 -2.68 -11.44
C TYR A 254 8.65 -3.09 -9.99
N ARG A 255 7.40 -3.36 -9.70
CA ARG A 255 6.97 -3.63 -8.33
C ARG A 255 7.08 -5.11 -7.94
N HIS A 256 7.42 -5.96 -8.90
CA HIS A 256 7.55 -7.39 -8.63
C HIS A 256 8.92 -7.92 -9.07
N VAL A 257 9.37 -8.98 -8.42
CA VAL A 257 10.60 -9.66 -8.82
C VAL A 257 10.29 -10.81 -9.77
N PHE A 258 10.87 -10.75 -10.97
CA PHE A 258 10.60 -11.73 -12.01
C PHE A 258 11.85 -12.54 -12.35
N VAL A 259 11.66 -13.74 -12.89
CA VAL A 259 12.76 -14.44 -13.54
C VAL A 259 12.86 -13.89 -14.96
N LEU A 260 14.05 -13.44 -15.33
CA LEU A 260 14.27 -12.88 -16.66
C LEU A 260 14.38 -13.96 -17.72
N LYS A 261 13.72 -13.76 -18.85
CA LYS A 261 13.90 -14.64 -20.00
C LYS A 261 15.35 -14.57 -20.47
N PRO A 262 15.97 -15.73 -20.75
CA PRO A 262 17.35 -15.78 -21.24
C PRO A 262 17.55 -14.96 -22.51
N GLU A 263 16.49 -14.81 -23.30
CA GLU A 263 16.56 -14.05 -24.54
C GLU A 263 16.43 -12.55 -24.32
N TYR A 264 16.51 -12.13 -23.06
CA TYR A 264 16.47 -10.72 -22.71
C TYR A 264 17.75 -10.30 -21.99
N ALA A 265 18.67 -11.25 -21.83
CA ALA A 265 19.90 -11.00 -21.10
C ALA A 265 20.77 -9.95 -21.76
N LYS A 266 20.77 -9.92 -23.09
CA LYS A 266 21.57 -8.93 -23.82
C LYS A 266 20.67 -8.00 -24.64
N ARG A 267 19.56 -7.61 -24.04
CA ARG A 267 18.59 -6.75 -24.71
CA ARG A 267 18.58 -6.75 -24.70
C ARG A 267 19.11 -5.33 -24.91
N TYR A 268 19.83 -4.81 -23.92
CA TYR A 268 20.31 -3.44 -23.97
C TYR A 268 21.80 -3.35 -23.68
N PRO A 269 22.63 -3.67 -24.68
CA PRO A 269 24.09 -3.68 -24.52
C PRO A 269 24.71 -2.29 -24.65
N SER A 270 23.95 -1.33 -25.19
CA SER A 270 24.44 0.01 -25.42
C SER A 270 24.68 0.78 -24.11
N LYS A 271 25.78 1.52 -24.08
CA LYS A 271 26.12 2.36 -22.93
C LYS A 271 25.07 3.43 -22.69
N LEU A 272 24.61 3.58 -21.45
CA LEU A 272 23.63 4.60 -21.11
C LEU A 272 24.26 5.98 -20.96
N LYS B 46 21.30 -31.11 -16.98
CA LYS B 46 21.43 -31.11 -18.43
C LYS B 46 20.11 -31.45 -19.10
N PRO B 47 19.68 -30.61 -20.05
CA PRO B 47 18.41 -30.75 -20.76
C PRO B 47 18.25 -32.09 -21.48
N ASN B 48 17.00 -32.46 -21.76
CA ASN B 48 16.71 -33.68 -22.49
C ASN B 48 16.71 -33.45 -23.99
N VAL B 49 17.11 -34.47 -24.75
CA VAL B 49 17.19 -34.35 -26.20
C VAL B 49 15.96 -34.96 -26.88
N VAL B 50 15.32 -34.16 -27.73
CA VAL B 50 14.13 -34.60 -28.44
C VAL B 50 14.45 -34.86 -29.92
N GLY B 51 13.94 -35.97 -30.45
CA GLY B 51 14.17 -36.31 -31.83
C GLY B 51 13.14 -37.26 -32.40
N ARG B 52 13.50 -37.94 -33.49
CA ARG B 52 12.61 -38.90 -34.14
C ARG B 52 13.33 -40.22 -34.37
N ASP B 53 12.57 -41.32 -34.39
CA ASP B 53 13.15 -42.62 -34.67
C ASP B 53 13.00 -43.00 -36.14
N ALA B 54 13.20 -44.28 -36.44
CA ALA B 54 13.08 -44.78 -37.80
C ALA B 54 11.63 -44.86 -38.25
N ASP B 55 10.72 -44.96 -37.28
CA ASP B 55 9.30 -45.09 -37.58
C ASP B 55 8.60 -43.74 -37.61
N GLY B 56 9.37 -42.67 -37.41
CA GLY B 56 8.82 -41.32 -37.42
C GLY B 56 8.17 -40.94 -36.10
N ASN B 57 8.47 -41.72 -35.06
CA ASN B 57 7.95 -41.44 -33.73
C ASN B 57 8.93 -40.61 -32.92
N VAL B 58 8.39 -39.69 -32.12
CA VAL B 58 9.21 -38.81 -31.28
C VAL B 58 10.01 -39.60 -30.25
N THR B 59 11.28 -39.25 -30.12
CA THR B 59 12.15 -39.88 -29.13
C THR B 59 12.63 -38.85 -28.10
N VAL B 60 12.80 -39.30 -26.87
CA VAL B 60 13.39 -38.46 -25.83
C VAL B 60 14.51 -39.21 -25.14
N ASP B 61 15.73 -38.70 -25.27
CA ASP B 61 16.92 -39.33 -24.73
C ASP B 61 17.10 -40.75 -25.27
N GLY B 62 16.71 -40.94 -26.53
CA GLY B 62 16.89 -42.22 -27.20
C GLY B 62 15.71 -43.16 -27.11
N ARG B 63 14.83 -42.91 -26.15
CA ARG B 63 13.66 -43.78 -25.95
C ARG B 63 12.49 -43.29 -26.80
N SER B 64 11.85 -44.22 -27.51
CA SER B 64 10.74 -43.87 -28.39
C SER B 64 9.43 -43.77 -27.64
N TYR B 65 8.54 -42.90 -28.14
CA TYR B 65 7.21 -42.74 -27.58
C TYR B 65 6.18 -42.70 -28.70
N PRO B 66 5.70 -43.87 -29.13
CA PRO B 66 4.75 -43.99 -30.23
C PRO B 66 3.44 -43.24 -29.98
N MET B 67 3.00 -43.22 -28.72
CA MET B 67 1.73 -42.59 -28.36
C MET B 67 1.81 -41.07 -28.42
N ALA B 68 3.02 -40.54 -28.53
CA ALA B 68 3.24 -39.11 -28.46
C ALA B 68 3.25 -38.43 -29.83
N GLU B 69 2.46 -37.36 -29.95
CA GLU B 69 2.44 -36.57 -31.19
C GLU B 69 3.54 -35.52 -31.16
N SER B 70 3.78 -34.96 -29.99
CA SER B 70 4.87 -34.00 -29.78
C SER B 70 5.16 -33.87 -28.30
N VAL B 71 6.23 -33.17 -27.97
CA VAL B 71 6.61 -32.98 -26.57
C VAL B 71 6.12 -31.63 -26.05
N VAL B 72 5.36 -31.66 -24.95
CA VAL B 72 4.95 -30.44 -24.28
C VAL B 72 6.10 -29.91 -23.45
N ALA B 73 6.61 -30.75 -22.55
CA ALA B 73 7.72 -30.40 -21.70
C ALA B 73 8.49 -31.65 -21.28
N THR B 74 9.82 -31.55 -21.28
CA THR B 74 10.66 -32.66 -20.85
C THR B 74 10.83 -32.62 -19.33
N GLU B 75 11.46 -33.65 -18.78
CA GLU B 75 11.62 -33.79 -17.34
C GLU B 75 12.37 -32.62 -16.71
N SER B 76 13.43 -32.15 -17.39
CA SER B 76 14.23 -31.05 -16.88
C SER B 76 13.42 -29.76 -16.83
N THR B 77 12.64 -29.51 -17.89
CA THR B 77 11.79 -28.34 -17.95
C THR B 77 10.73 -28.37 -16.85
N ILE B 78 10.14 -29.54 -16.64
CA ILE B 78 9.12 -29.72 -15.61
C ILE B 78 9.68 -29.49 -14.22
N HIS B 79 10.81 -30.12 -13.92
CA HIS B 79 11.38 -30.08 -12.58
C HIS B 79 11.95 -28.70 -12.26
N ARG B 80 12.47 -28.02 -13.26
CA ARG B 80 12.95 -26.66 -13.07
C ARG B 80 11.77 -25.74 -12.74
N SER B 81 10.64 -25.96 -13.41
CA SER B 81 9.47 -25.14 -13.18
CA SER B 81 9.46 -25.15 -13.19
C SER B 81 8.84 -25.43 -11.82
N MET B 82 9.10 -26.62 -11.30
CA MET B 82 8.56 -27.01 -9.99
C MET B 82 9.45 -26.54 -8.85
N LYS B 83 10.76 -26.52 -9.07
CA LYS B 83 11.69 -25.97 -8.08
C LYS B 83 11.47 -24.47 -7.94
N GLU B 84 11.19 -23.82 -9.06
CA GLU B 84 10.96 -22.37 -9.07
C GLU B 84 9.58 -22.03 -8.50
N MET B 85 8.61 -22.91 -8.72
CA MET B 85 7.26 -22.69 -8.21
C MET B 85 7.21 -22.94 -6.70
N ALA B 86 7.95 -23.95 -6.25
CA ALA B 86 8.03 -24.24 -4.82
C ALA B 86 8.67 -23.08 -4.06
N GLN B 87 9.60 -22.38 -4.71
CA GLN B 87 10.25 -21.23 -4.10
C GLN B 87 9.28 -20.05 -4.04
N THR B 88 8.45 -19.94 -5.08
CA THR B 88 7.42 -18.92 -5.13
C THR B 88 6.41 -19.15 -4.00
N LEU B 89 6.03 -20.40 -3.80
CA LEU B 89 5.11 -20.78 -2.74
C LEU B 89 5.70 -20.51 -1.35
N ALA B 90 6.96 -20.86 -1.17
CA ALA B 90 7.64 -20.64 0.10
C ALA B 90 7.66 -19.16 0.47
N ASN B 91 7.97 -18.31 -0.51
CA ASN B 91 8.00 -16.87 -0.29
C ASN B 91 6.63 -16.31 0.02
N ALA B 92 5.63 -16.72 -0.75
CA ALA B 92 4.27 -16.21 -0.59
C ALA B 92 3.66 -16.58 0.76
N TYR B 93 3.92 -17.80 1.20
CA TYR B 93 3.35 -18.29 2.45
C TYR B 93 4.25 -18.06 3.65
N LYS B 94 5.41 -17.44 3.42
CA LYS B 94 6.41 -17.25 4.46
C LYS B 94 5.87 -16.55 5.70
N THR B 95 5.20 -15.43 5.51
CA THR B 95 4.78 -14.59 6.62
C THR B 95 3.30 -14.75 6.98
N LEU B 96 2.55 -15.50 6.17
CA LEU B 96 1.13 -15.65 6.41
C LEU B 96 0.85 -16.33 7.74
N LYS B 97 -0.23 -15.91 8.41
CA LYS B 97 -0.61 -16.49 9.68
C LYS B 97 -2.04 -17.03 9.62
N HIS B 98 -2.34 -18.01 10.46
CA HIS B 98 -3.68 -18.57 10.50
C HIS B 98 -4.00 -19.14 11.89
N ARG B 99 -5.15 -19.79 12.00
CA ARG B 99 -5.64 -20.26 13.29
C ARG B 99 -4.70 -21.28 13.93
N ASP B 100 -4.48 -21.13 15.23
CA ASP B 100 -3.60 -22.04 15.96
C ASP B 100 -4.37 -23.24 16.49
N THR B 101 -4.02 -24.42 15.99
CA THR B 101 -4.67 -25.64 16.47
C THR B 101 -3.72 -26.45 17.35
N HIS B 102 -2.43 -26.14 17.28
CA HIS B 102 -1.45 -26.75 18.16
C HIS B 102 -1.72 -26.29 19.59
N ASN B 103 -1.94 -24.99 19.75
CA ASN B 103 -2.36 -24.43 21.03
C ASN B 103 -3.70 -23.73 20.86
N LYS B 104 -4.77 -24.48 21.09
CA LYS B 104 -6.13 -23.99 20.82
C LYS B 104 -6.53 -22.87 21.76
N GLY B 105 -5.78 -22.69 22.84
CA GLY B 105 -6.02 -21.61 23.78
C GLY B 105 -5.57 -20.27 23.22
N ASN B 106 -4.75 -20.32 22.19
CA ASN B 106 -4.27 -19.11 21.53
C ASN B 106 -5.39 -18.42 20.76
N SER B 107 -5.64 -17.16 21.11
CA SER B 107 -6.67 -16.37 20.44
C SER B 107 -6.08 -15.69 19.20
N ALA B 108 -4.81 -15.35 19.28
CA ALA B 108 -4.11 -14.70 18.17
C ALA B 108 -3.69 -15.70 17.10
N LEU B 109 -3.50 -15.21 15.88
CA LEU B 109 -3.09 -16.06 14.78
C LEU B 109 -1.66 -16.56 14.96
N ALA B 110 -1.40 -17.77 14.49
CA ALA B 110 -0.06 -18.35 14.56
C ALA B 110 0.56 -18.43 13.17
N PRO B 111 1.88 -18.26 13.08
CA PRO B 111 2.58 -18.36 11.80
C PRO B 111 2.54 -19.77 11.23
N ILE B 112 2.89 -19.91 9.96
CA ILE B 112 3.00 -21.23 9.34
C ILE B 112 4.30 -21.89 9.80
N THR B 113 4.17 -22.90 10.64
CA THR B 113 5.31 -23.61 11.22
C THR B 113 4.99 -25.10 11.28
N ASP B 114 5.89 -25.89 11.85
CA ASP B 114 5.63 -27.32 12.03
C ASP B 114 4.42 -27.54 12.95
N GLU B 115 4.22 -26.63 13.88
CA GLU B 115 3.09 -26.72 14.80
C GLU B 115 1.77 -26.45 14.09
N ASN B 116 1.78 -25.49 13.16
CA ASN B 116 0.60 -25.16 12.36
C ASN B 116 0.94 -25.08 10.87
N PRO B 117 1.17 -26.24 10.25
CA PRO B 117 1.68 -26.31 8.87
C PRO B 117 0.69 -25.84 7.81
N LEU B 118 1.21 -25.55 6.62
CA LEU B 118 0.36 -25.31 5.47
C LEU B 118 -0.34 -26.60 5.10
N ILE B 119 -1.65 -26.54 4.89
CA ILE B 119 -2.41 -27.73 4.55
C ILE B 119 -2.54 -27.88 3.05
N ILE B 120 -1.95 -28.93 2.49
CA ILE B 120 -2.03 -29.18 1.06
C ILE B 120 -3.09 -30.26 0.78
N ILE B 121 -3.96 -29.98 -0.19
CA ILE B 121 -4.94 -30.95 -0.64
C ILE B 121 -4.55 -31.45 -2.04
N SER B 122 -4.21 -32.73 -2.12
CA SER B 122 -3.82 -33.32 -3.40
C SER B 122 -4.97 -34.12 -4.00
N VAL B 123 -5.23 -33.90 -5.28
CA VAL B 123 -6.33 -34.58 -5.94
C VAL B 123 -5.87 -35.90 -6.56
N LEU B 124 -6.71 -36.92 -6.47
CA LEU B 124 -6.41 -38.21 -7.06
C LEU B 124 -7.02 -38.27 -8.46
N LYS B 125 -6.39 -39.03 -9.37
CA LYS B 125 -5.23 -39.84 -9.06
C LYS B 125 -3.94 -39.28 -9.63
N GLY B 126 -4.07 -38.50 -10.71
CA GLY B 126 -2.93 -38.05 -11.49
C GLY B 126 -1.92 -37.18 -10.76
N SER B 127 -2.37 -36.46 -9.73
CA SER B 127 -1.53 -35.47 -9.09
C SER B 127 -0.59 -36.05 -8.02
N TYR B 128 -0.61 -37.37 -7.83
CA TYR B 128 0.20 -37.94 -6.75
C TYR B 128 1.70 -37.84 -7.05
N ILE B 129 2.07 -37.92 -8.33
CA ILE B 129 3.47 -37.76 -8.70
C ILE B 129 3.88 -36.30 -8.59
N PHE B 130 3.06 -35.40 -9.15
CA PHE B 130 3.29 -33.97 -9.07
C PHE B 130 3.45 -33.51 -7.63
N THR B 131 2.60 -34.03 -6.75
CA THR B 131 2.63 -33.67 -5.33
C THR B 131 3.86 -34.22 -4.63
N ALA B 132 4.23 -35.47 -4.94
CA ALA B 132 5.38 -36.11 -4.32
C ALA B 132 6.65 -35.29 -4.51
N ASP B 133 6.87 -34.82 -5.73
CA ASP B 133 8.05 -34.02 -6.04
C ASP B 133 7.93 -32.62 -5.45
N MET B 134 6.72 -32.08 -5.50
CA MET B 134 6.47 -30.71 -5.06
C MET B 134 6.71 -30.54 -3.56
N VAL B 135 6.24 -31.48 -2.76
CA VAL B 135 6.36 -31.35 -1.30
C VAL B 135 7.81 -31.50 -0.85
N ARG B 136 8.61 -32.22 -1.63
CA ARG B 136 10.03 -32.34 -1.33
C ARG B 136 10.77 -31.06 -1.71
N TYR B 137 10.36 -30.45 -2.82
CA TYR B 137 10.86 -29.14 -3.20
C TYR B 137 10.49 -28.09 -2.17
N LEU B 138 9.27 -28.16 -1.66
CA LEU B 138 8.83 -27.27 -0.61
C LEU B 138 9.65 -27.47 0.66
N GLY B 139 10.01 -28.72 0.92
CA GLY B 139 10.85 -29.04 2.07
C GLY B 139 12.22 -28.44 1.92
N ASP B 140 12.70 -28.39 0.68
CA ASP B 140 13.98 -27.76 0.39
C ASP B 140 13.90 -26.26 0.68
N CYS B 141 12.75 -25.67 0.40
CA CYS B 141 12.55 -24.23 0.55
C CYS B 141 12.07 -23.83 1.95
N GLY B 142 11.92 -24.82 2.82
CA GLY B 142 11.60 -24.57 4.23
C GLY B 142 10.18 -24.12 4.52
N LEU B 143 9.22 -24.68 3.79
CA LEU B 143 7.81 -24.38 4.03
C LEU B 143 7.10 -25.59 4.64
N PRO B 144 6.86 -25.55 5.97
CA PRO B 144 6.20 -26.63 6.70
C PRO B 144 4.84 -26.95 6.10
N ASN B 145 4.58 -28.23 5.84
CA ASN B 145 3.34 -28.60 5.18
C ASN B 145 2.89 -30.02 5.50
N VAL B 146 1.58 -30.23 5.40
CA VAL B 146 1.02 -31.57 5.55
C VAL B 146 0.06 -31.82 4.39
N VAL B 147 0.06 -33.05 3.89
CA VAL B 147 -0.72 -33.38 2.71
C VAL B 147 -1.82 -34.39 3.03
N ASP B 148 -3.01 -34.15 2.51
CA ASP B 148 -4.06 -35.15 2.51
C ASP B 148 -4.58 -35.31 1.08
N PHE B 149 -5.27 -36.40 0.80
CA PHE B 149 -5.75 -36.66 -0.55
C PHE B 149 -7.27 -36.64 -0.65
N ILE B 150 -7.76 -36.29 -1.82
CA ILE B 150 -9.19 -36.37 -2.10
C ILE B 150 -9.40 -36.93 -3.52
N ARG B 151 -10.32 -37.87 -3.65
CA ARG B 151 -10.59 -38.50 -4.94
C ARG B 151 -11.88 -37.94 -5.52
N ILE B 152 -11.82 -37.48 -6.76
CA ILE B 152 -12.95 -36.82 -7.40
C ILE B 152 -13.95 -37.83 -7.97
N ASN B 170 -12.53 -38.72 0.01
CA ASN B 170 -12.66 -37.45 0.73
C ASN B 170 -11.57 -37.30 1.79
N LEU B 171 -11.38 -36.08 2.27
CA LEU B 171 -10.31 -35.76 3.22
C LEU B 171 -10.47 -36.48 4.56
N ARG B 172 -9.35 -36.80 5.18
CA ARG B 172 -9.34 -37.32 6.55
C ARG B 172 -9.13 -36.19 7.55
N PHE B 173 -8.52 -35.10 7.08
CA PHE B 173 -8.30 -33.93 7.91
C PHE B 173 -9.64 -33.31 8.29
N THR B 174 -9.74 -32.79 9.51
CA THR B 174 -11.00 -32.26 10.01
C THR B 174 -10.91 -30.80 10.47
N GLU B 175 -9.70 -30.27 10.58
CA GLU B 175 -9.51 -28.92 11.09
C GLU B 175 -8.89 -27.99 10.06
N LEU B 176 -9.68 -27.60 9.06
CA LEU B 176 -9.21 -26.68 8.02
C LEU B 176 -9.77 -25.27 8.23
N THR B 177 -10.73 -25.15 9.14
CA THR B 177 -11.36 -23.86 9.40
C THR B 177 -10.33 -22.85 9.90
N GLY B 178 -10.18 -21.75 9.18
CA GLY B 178 -9.25 -20.71 9.55
C GLY B 178 -7.81 -21.08 9.23
N LYS B 179 -7.62 -22.07 8.37
CA LYS B 179 -6.29 -22.48 7.95
C LYS B 179 -6.01 -22.01 6.53
N HIS B 180 -4.73 -21.89 6.19
CA HIS B 180 -4.34 -21.68 4.81
C HIS B 180 -4.31 -23.03 4.10
N VAL B 181 -5.07 -23.16 3.03
CA VAL B 181 -5.16 -24.43 2.32
C VAL B 181 -4.74 -24.27 0.86
N LEU B 182 -3.86 -25.16 0.42
CA LEU B 182 -3.38 -25.16 -0.96
C LEU B 182 -3.78 -26.44 -1.67
N ILE B 183 -4.58 -26.31 -2.73
CA ILE B 183 -4.96 -27.47 -3.53
C ILE B 183 -3.90 -27.75 -4.59
N MET B 184 -3.41 -28.98 -4.59
CA MET B 184 -2.35 -29.40 -5.51
C MET B 184 -2.93 -30.25 -6.65
N GLU B 185 -3.28 -29.60 -7.75
CA GLU B 185 -3.86 -30.31 -8.89
CA GLU B 185 -3.87 -30.28 -8.90
C GLU B 185 -2.86 -30.42 -10.04
N ASP B 186 -2.94 -31.50 -10.80
CA ASP B 186 -2.01 -31.71 -11.91
C ASP B 186 -2.34 -30.83 -13.13
N ILE B 187 -3.60 -30.84 -13.57
CA ILE B 187 -3.97 -30.07 -14.76
C ILE B 187 -5.31 -29.37 -14.62
N ALA B 188 -5.41 -28.17 -15.20
CA ALA B 188 -6.67 -27.45 -15.31
C ALA B 188 -7.00 -27.21 -16.78
N ASP B 189 -8.20 -27.58 -17.20
CA ASP B 189 -8.60 -27.43 -18.60
C ASP B 189 -9.84 -26.54 -18.71
N THR B 190 -11.01 -27.12 -18.50
CA THR B 190 -12.26 -26.36 -18.53
C THR B 190 -12.47 -25.61 -17.23
N GLY B 191 -11.88 -26.13 -16.16
CA GLY B 191 -11.93 -25.47 -14.86
C GLY B 191 -13.10 -25.90 -14.00
N ARG B 192 -13.93 -26.79 -14.53
CA ARG B 192 -15.11 -27.26 -13.82
C ARG B 192 -14.73 -28.07 -12.57
N THR B 193 -13.69 -28.87 -12.67
CA THR B 193 -13.27 -29.73 -11.57
C THR B 193 -12.79 -28.89 -10.39
N MET B 194 -11.96 -27.89 -10.66
CA MET B 194 -11.43 -27.05 -9.60
C MET B 194 -12.47 -26.09 -9.06
N LYS B 195 -13.40 -25.67 -9.92
CA LYS B 195 -14.49 -24.82 -9.46
C LYS B 195 -15.36 -25.60 -8.49
N LEU B 196 -15.54 -26.88 -8.76
CA LEU B 196 -16.28 -27.77 -7.87
C LEU B 196 -15.57 -27.95 -6.54
N LEU B 197 -14.27 -28.27 -6.59
CA LEU B 197 -13.50 -28.57 -5.39
C LEU B 197 -13.30 -27.33 -4.52
N VAL B 198 -12.98 -26.20 -5.13
CA VAL B 198 -12.77 -24.96 -4.39
C VAL B 198 -14.06 -24.54 -3.69
N GLU B 199 -15.18 -24.58 -4.39
CA GLU B 199 -16.47 -24.26 -3.80
C GLU B 199 -16.82 -25.26 -2.70
N LYS B 200 -16.42 -26.51 -2.88
CA LYS B 200 -16.69 -27.55 -1.89
C LYS B 200 -15.92 -27.29 -0.60
N ILE B 201 -14.61 -27.13 -0.70
CA ILE B 201 -13.75 -26.89 0.45
C ILE B 201 -14.19 -25.63 1.21
N ARG B 202 -14.53 -24.57 0.49
CA ARG B 202 -14.92 -23.32 1.11
C ARG B 202 -16.16 -23.46 1.99
N ARG B 203 -17.21 -24.07 1.44
CA ARG B 203 -18.48 -24.16 2.18
C ARG B 203 -18.42 -25.18 3.31
N GLU B 204 -17.58 -26.20 3.16
CA GLU B 204 -17.51 -27.28 4.14
C GLU B 204 -16.51 -27.02 5.26
N TYR B 205 -15.52 -26.16 4.99
CA TYR B 205 -14.47 -25.92 5.98
C TYR B 205 -14.26 -24.44 6.31
N ARG B 206 -14.44 -23.57 5.33
CA ARG B 206 -14.16 -22.13 5.47
C ARG B 206 -12.72 -21.87 5.91
N PRO B 207 -11.75 -22.10 5.02
CA PRO B 207 -10.35 -21.83 5.36
C PRO B 207 -10.03 -20.34 5.35
N ALA B 208 -8.87 -19.97 5.88
CA ALA B 208 -8.43 -18.58 5.86
C ALA B 208 -8.14 -18.15 4.42
N SER B 209 -7.44 -19.01 3.70
CA SER B 209 -7.22 -18.79 2.27
C SER B 209 -7.27 -20.12 1.54
N LEU B 210 -7.82 -20.11 0.34
CA LEU B 210 -7.86 -21.30 -0.50
C LEU B 210 -7.31 -20.97 -1.87
N LYS B 211 -6.12 -21.48 -2.16
CA LYS B 211 -5.47 -21.25 -3.44
C LYS B 211 -5.13 -22.56 -4.12
N VAL B 212 -4.97 -22.52 -5.44
CA VAL B 212 -4.71 -23.72 -6.21
C VAL B 212 -3.38 -23.64 -6.94
N CYS B 213 -2.57 -24.68 -6.79
CA CYS B 213 -1.33 -24.80 -7.56
C CYS B 213 -1.46 -25.90 -8.60
N VAL B 214 -1.38 -25.53 -9.87
CA VAL B 214 -1.47 -26.53 -10.94
CA VAL B 214 -1.49 -26.51 -10.95
C VAL B 214 -0.18 -26.64 -11.73
N LEU B 215 0.14 -27.87 -12.15
CA LEU B 215 1.34 -28.11 -12.94
C LEU B 215 1.16 -27.59 -14.35
N VAL B 216 0.06 -27.99 -14.98
CA VAL B 216 -0.24 -27.59 -16.35
C VAL B 216 -1.56 -26.85 -16.43
N ASP B 217 -1.54 -25.65 -16.99
CA ASP B 217 -2.75 -24.89 -17.19
C ASP B 217 -3.07 -24.79 -18.68
N LYS B 218 -4.30 -25.13 -19.04
CA LYS B 218 -4.76 -24.97 -20.42
C LYS B 218 -5.91 -23.98 -20.46
N PRO B 219 -5.59 -22.68 -20.44
CA PRO B 219 -6.61 -21.62 -20.36
C PRO B 219 -7.47 -21.54 -21.61
N GLY B 220 -6.95 -22.04 -22.73
CA GLY B 220 -7.66 -21.99 -23.99
C GLY B 220 -8.98 -22.76 -23.98
N GLY B 221 -9.06 -23.79 -23.13
CA GLY B 221 -10.24 -24.62 -23.07
C GLY B 221 -11.11 -24.34 -21.86
N ARG B 222 -10.91 -23.18 -21.26
CA ARG B 222 -11.62 -22.81 -20.04
C ARG B 222 -13.10 -22.52 -20.30
N VAL B 223 -13.97 -23.29 -19.65
CA VAL B 223 -15.41 -23.10 -19.78
C VAL B 223 -15.95 -22.18 -18.69
N VAL B 224 -15.70 -22.55 -17.43
CA VAL B 224 -16.10 -21.73 -16.31
C VAL B 224 -14.94 -20.85 -15.86
N ASP B 225 -15.26 -19.74 -15.21
CA ASP B 225 -14.24 -18.77 -14.81
C ASP B 225 -13.42 -19.27 -13.62
N PHE B 226 -12.35 -20.00 -13.90
CA PHE B 226 -11.43 -20.45 -12.87
C PHE B 226 -10.00 -20.03 -13.17
N LYS B 227 -9.36 -19.38 -12.21
CA LYS B 227 -8.00 -18.89 -12.38
C LYS B 227 -7.10 -19.38 -11.24
N PRO B 228 -6.32 -20.44 -11.50
CA PRO B 228 -5.40 -20.97 -10.49
C PRO B 228 -4.32 -19.96 -10.13
N GLU B 229 -4.03 -19.83 -8.84
CA GLU B 229 -3.11 -18.80 -8.36
C GLU B 229 -1.66 -19.11 -8.70
N PHE B 230 -1.33 -20.40 -8.73
CA PHE B 230 0.04 -20.82 -9.02
C PHE B 230 0.06 -21.82 -10.18
N VAL B 231 0.73 -21.43 -11.26
CA VAL B 231 0.80 -22.24 -12.46
C VAL B 231 2.24 -22.50 -12.87
N CYS B 232 2.64 -23.76 -12.84
CA CYS B 232 3.98 -24.15 -13.29
C CYS B 232 4.13 -23.94 -14.79
N LEU B 233 3.27 -24.61 -15.56
CA LEU B 233 3.38 -24.59 -17.02
C LEU B 233 2.06 -24.27 -17.70
N THR B 234 2.12 -23.44 -18.74
CA THR B 234 0.95 -23.13 -19.54
C THR B 234 1.07 -23.78 -20.92
N ALA B 235 0.16 -24.70 -21.22
CA ALA B 235 0.21 -25.47 -22.46
C ALA B 235 -0.99 -25.16 -23.36
N PRO B 236 -0.84 -25.36 -24.68
CA PRO B 236 -1.96 -25.21 -25.60
C PRO B 236 -3.10 -26.20 -25.32
N THR B 237 -4.24 -26.00 -25.99
CA THR B 237 -5.44 -26.78 -25.70
C THR B 237 -5.40 -28.14 -26.40
N ARG B 238 -4.58 -29.03 -25.86
CA ARG B 238 -4.47 -30.39 -26.38
C ARG B 238 -4.40 -31.40 -25.24
N TYR B 239 -4.94 -32.59 -25.47
CA TYR B 239 -4.90 -33.65 -24.47
C TYR B 239 -3.47 -34.17 -24.31
N VAL B 240 -2.99 -34.21 -23.07
CA VAL B 240 -1.60 -34.55 -22.81
C VAL B 240 -1.45 -35.84 -22.00
N VAL B 241 -0.29 -36.47 -22.12
CA VAL B 241 0.02 -37.68 -21.37
C VAL B 241 1.42 -37.60 -20.78
N GLY B 242 1.68 -38.41 -19.76
CA GLY B 242 2.99 -38.44 -19.12
C GLY B 242 3.02 -37.65 -17.83
N TYR B 243 3.84 -38.13 -16.89
CA TYR B 243 4.03 -37.48 -15.60
C TYR B 243 2.69 -37.24 -14.89
N GLY B 244 1.99 -38.33 -14.57
CA GLY B 244 0.70 -38.24 -13.90
C GLY B 244 -0.46 -38.26 -14.87
N PHE B 245 -0.24 -37.75 -16.09
CA PHE B 245 -1.29 -37.69 -17.09
C PHE B 245 -1.43 -39.02 -17.80
N GLU B 246 -2.67 -39.47 -18.01
CA GLU B 246 -2.92 -40.84 -18.42
C GLU B 246 -3.89 -40.99 -19.57
N VAL B 247 -3.91 -42.19 -20.15
CA VAL B 247 -4.98 -42.66 -21.01
C VAL B 247 -5.37 -44.05 -20.55
N ASN B 248 -6.48 -44.15 -19.83
CA ASN B 248 -6.88 -45.38 -19.15
C ASN B 248 -5.74 -45.88 -18.27
N ASP B 249 -5.23 -44.98 -17.44
CA ASP B 249 -4.15 -45.25 -16.48
C ASP B 249 -2.80 -45.57 -17.12
N ARG B 250 -2.71 -45.49 -18.45
CA ARG B 250 -1.44 -45.71 -19.13
C ARG B 250 -0.59 -44.43 -19.18
N TYR B 251 0.72 -44.62 -19.34
CA TYR B 251 1.67 -43.52 -19.57
C TYR B 251 1.79 -42.56 -18.37
N ARG B 252 1.30 -42.97 -17.22
CA ARG B 252 1.36 -42.12 -16.03
C ARG B 252 2.79 -41.99 -15.51
N ASN B 253 3.55 -43.08 -15.57
CA ASN B 253 4.88 -43.12 -14.97
C ASN B 253 5.99 -42.55 -15.86
N TYR B 254 5.60 -41.89 -16.95
CA TYR B 254 6.59 -41.29 -17.85
C TYR B 254 7.14 -40.01 -17.25
N ARG B 255 8.39 -39.68 -17.59
CA ARG B 255 9.06 -38.53 -16.99
C ARG B 255 8.81 -37.22 -17.75
N HIS B 256 8.19 -37.32 -18.92
CA HIS B 256 7.93 -36.15 -19.74
C HIS B 256 6.45 -36.04 -20.06
N VAL B 257 6.00 -34.83 -20.41
CA VAL B 257 4.62 -34.63 -20.82
C VAL B 257 4.54 -34.48 -22.34
N PHE B 258 3.73 -35.32 -22.96
CA PHE B 258 3.61 -35.33 -24.41
C PHE B 258 2.21 -34.92 -24.85
N VAL B 259 2.09 -34.49 -26.10
CA VAL B 259 0.78 -34.36 -26.74
C VAL B 259 0.40 -35.73 -27.27
N LEU B 260 -0.84 -36.15 -27.01
CA LEU B 260 -1.29 -37.48 -27.40
C LEU B 260 -1.75 -37.53 -28.86
N LYS B 261 -1.34 -38.59 -29.56
CA LYS B 261 -1.89 -38.85 -30.89
C LYS B 261 -3.34 -39.28 -30.76
N PRO B 262 -4.25 -38.62 -31.50
CA PRO B 262 -5.68 -38.87 -31.47
C PRO B 262 -6.04 -40.33 -31.73
N GLU B 263 -5.18 -41.04 -32.47
CA GLU B 263 -5.39 -42.44 -32.77
C GLU B 263 -5.08 -43.33 -31.58
N TYR B 264 -4.58 -42.73 -30.50
CA TYR B 264 -4.23 -43.48 -29.30
C TYR B 264 -5.22 -43.22 -28.18
N ALA B 265 -6.16 -42.31 -28.42
CA ALA B 265 -7.12 -41.90 -27.40
C ALA B 265 -8.01 -43.06 -26.94
N LYS B 266 -8.41 -43.91 -27.89
CA LYS B 266 -9.27 -45.03 -27.56
C LYS B 266 -8.56 -46.35 -27.86
N ARG B 267 -7.30 -46.44 -27.45
CA ARG B 267 -6.47 -47.62 -27.73
C ARG B 267 -6.67 -48.72 -26.69
N TYR B 268 -7.11 -48.34 -25.49
CA TYR B 268 -7.30 -49.32 -24.43
C TYR B 268 -8.70 -49.22 -23.83
N PRO B 269 -9.72 -49.71 -24.56
CA PRO B 269 -11.11 -49.62 -24.13
C PRO B 269 -11.44 -50.58 -22.99
N SER B 270 -10.63 -51.65 -22.87
CA SER B 270 -10.85 -52.65 -21.83
CA SER B 270 -10.85 -52.65 -21.83
C SER B 270 -10.70 -52.05 -20.44
N LYS B 271 -11.56 -52.48 -19.53
CA LYS B 271 -11.52 -51.98 -18.16
C LYS B 271 -10.47 -52.71 -17.32
N LEU B 272 -9.79 -51.95 -16.46
CA LEU B 272 -8.76 -52.52 -15.61
C LEU B 272 -9.35 -53.09 -14.32
N LYS C 46 -12.25 11.58 11.31
CA LYS C 46 -12.05 13.00 11.05
C LYS C 46 -11.35 13.31 9.70
N PRO C 47 -10.32 12.54 9.30
CA PRO C 47 -9.70 12.91 8.03
C PRO C 47 -10.60 12.64 6.83
N ASN C 48 -10.49 13.48 5.80
CA ASN C 48 -11.29 13.31 4.61
C ASN C 48 -10.61 12.39 3.60
N VAL C 49 -11.41 11.55 2.95
CA VAL C 49 -10.87 10.61 1.97
C VAL C 49 -10.88 11.21 0.57
N VAL C 50 -9.70 11.32 -0.03
CA VAL C 50 -9.58 11.87 -1.37
C VAL C 50 -9.32 10.77 -2.38
N GLY C 51 -9.99 10.85 -3.52
CA GLY C 51 -9.80 9.88 -4.58
C GLY C 51 -10.26 10.38 -5.93
N ARG C 52 -10.52 9.44 -6.84
CA ARG C 52 -11.02 9.76 -8.17
C ARG C 52 -12.19 8.84 -8.48
N ASP C 53 -13.13 9.30 -9.31
CA ASP C 53 -14.22 8.45 -9.74
C ASP C 53 -13.85 7.76 -11.06
N ALA C 54 -14.82 7.06 -11.65
CA ALA C 54 -14.59 6.36 -12.91
C ALA C 54 -14.31 7.36 -14.04
N ASP C 55 -14.87 8.57 -13.91
CA ASP C 55 -14.69 9.60 -14.91
C ASP C 55 -13.37 10.34 -14.73
N GLY C 56 -12.62 9.97 -13.70
CA GLY C 56 -11.35 10.59 -13.42
C GLY C 56 -11.48 11.91 -12.71
N ASN C 57 -12.68 12.20 -12.21
CA ASN C 57 -12.95 13.43 -11.48
C ASN C 57 -12.56 13.31 -10.02
N VAL C 58 -12.06 14.41 -9.46
CA VAL C 58 -11.67 14.46 -8.06
C VAL C 58 -12.87 14.19 -7.15
N THR C 59 -12.66 13.31 -6.17
CA THR C 59 -13.70 13.06 -5.16
C THR C 59 -13.15 13.28 -3.76
N VAL C 60 -13.98 13.83 -2.89
CA VAL C 60 -13.67 13.92 -1.47
C VAL C 60 -14.85 13.36 -0.68
N ASP C 61 -14.63 12.23 -0.01
CA ASP C 61 -15.66 11.52 0.74
C ASP C 61 -16.88 11.17 -0.12
N GLY C 62 -16.63 10.64 -1.31
CA GLY C 62 -17.70 10.17 -2.18
C GLY C 62 -18.25 11.24 -3.11
N ARG C 63 -18.14 12.49 -2.68
CA ARG C 63 -18.64 13.62 -3.47
C ARG C 63 -17.73 13.94 -4.65
N SER C 64 -18.31 14.03 -5.84
CA SER C 64 -17.55 14.37 -7.04
C SER C 64 -17.41 15.88 -7.21
N TYR C 65 -16.24 16.32 -7.66
CA TYR C 65 -15.99 17.74 -7.91
C TYR C 65 -15.41 17.95 -9.30
N PRO C 66 -16.27 17.97 -10.33
CA PRO C 66 -15.84 18.00 -11.74
C PRO C 66 -15.02 19.23 -12.11
N MET C 67 -15.07 20.27 -11.28
CA MET C 67 -14.37 21.52 -11.58
C MET C 67 -12.94 21.51 -11.08
N ALA C 68 -12.59 20.50 -10.29
CA ALA C 68 -11.29 20.44 -9.64
C ALA C 68 -10.34 19.47 -10.35
N GLU C 69 -9.07 19.84 -10.43
CA GLU C 69 -8.07 18.96 -11.00
C GLU C 69 -7.27 18.29 -9.88
N SER C 70 -7.24 18.93 -8.72
CA SER C 70 -6.56 18.36 -7.55
C SER C 70 -7.01 19.04 -6.26
N VAL C 71 -6.81 18.34 -5.14
CA VAL C 71 -7.13 18.88 -3.83
C VAL C 71 -5.91 19.53 -3.19
N VAL C 72 -6.06 20.79 -2.79
CA VAL C 72 -4.99 21.49 -2.08
C VAL C 72 -4.97 21.10 -0.61
N ALA C 73 -6.15 21.17 0.02
CA ALA C 73 -6.30 20.78 1.42
C ALA C 73 -7.74 20.44 1.72
N THR C 74 -7.95 19.31 2.39
CA THR C 74 -9.29 18.91 2.83
C THR C 74 -9.71 19.73 4.04
N GLU C 75 -10.99 19.62 4.40
CA GLU C 75 -11.55 20.36 5.52
C GLU C 75 -10.80 20.09 6.82
N SER C 76 -10.52 18.82 7.08
CA SER C 76 -9.81 18.41 8.29
C SER C 76 -8.42 19.03 8.36
N THR C 77 -7.77 19.14 7.21
CA THR C 77 -6.44 19.74 7.14
C THR C 77 -6.51 21.24 7.36
N ILE C 78 -7.48 21.89 6.70
CA ILE C 78 -7.70 23.33 6.84
C ILE C 78 -7.98 23.71 8.28
N HIS C 79 -8.90 22.97 8.91
CA HIS C 79 -9.28 23.27 10.28
C HIS C 79 -8.18 22.92 11.26
N ARG C 80 -7.36 21.92 10.94
CA ARG C 80 -6.20 21.61 11.76
C ARG C 80 -5.21 22.78 11.76
N SER C 81 -4.97 23.35 10.58
CA SER C 81 -4.05 24.48 10.46
CA SER C 81 -4.07 24.49 10.45
C SER C 81 -4.60 25.73 11.15
N MET C 82 -5.90 25.96 11.04
CA MET C 82 -6.54 27.12 11.65
C MET C 82 -6.58 27.04 13.17
N LYS C 83 -6.78 25.83 13.69
CA LYS C 83 -6.71 25.61 15.13
C LYS C 83 -5.30 25.87 15.64
N GLU C 84 -4.30 25.47 14.86
CA GLU C 84 -2.90 25.72 15.21
C GLU C 84 -2.60 27.22 15.11
N MET C 85 -3.18 27.86 14.11
CA MET C 85 -2.98 29.29 13.89
C MET C 85 -3.64 30.11 14.99
N ALA C 86 -4.79 29.64 15.48
CA ALA C 86 -5.50 30.34 16.55
C ALA C 86 -4.68 30.33 17.84
N GLN C 87 -3.99 29.23 18.09
CA GLN C 87 -3.15 29.11 19.28
C GLN C 87 -1.88 29.93 19.10
N THR C 88 -1.43 30.04 17.85
CA THR C 88 -0.28 30.86 17.52
C THR C 88 -0.63 32.34 17.68
N LEU C 89 -1.82 32.71 17.23
CA LEU C 89 -2.32 34.08 17.39
C LEU C 89 -2.51 34.42 18.87
N ALA C 90 -3.08 33.47 19.61
CA ALA C 90 -3.33 33.68 21.04
C ALA C 90 -2.04 33.95 21.80
N ASN C 91 -1.02 33.13 21.55
CA ASN C 91 0.26 33.28 22.24
C ASN C 91 0.95 34.61 21.93
N ALA C 92 0.74 35.10 20.71
CA ALA C 92 1.40 36.31 20.25
C ALA C 92 0.71 37.58 20.74
N TYR C 93 -0.51 37.47 21.24
CA TYR C 93 -1.29 38.65 21.62
C TYR C 93 -1.74 38.67 23.08
N LYS C 94 -1.79 37.49 23.71
CA LYS C 94 -2.34 37.36 25.06
C LYS C 94 -1.65 38.21 26.11
N THR C 95 -0.38 38.55 25.89
CA THR C 95 0.38 39.31 26.87
C THR C 95 0.63 40.74 26.42
N LEU C 96 0.24 41.06 25.19
CA LEU C 96 0.44 42.39 24.64
C LEU C 96 -0.48 43.41 25.29
N LYS C 97 -0.01 44.65 25.37
CA LYS C 97 -0.81 45.74 25.92
C LYS C 97 -0.98 46.84 24.88
N HIS C 98 -2.11 47.53 24.94
CA HIS C 98 -2.39 48.63 24.02
C HIS C 98 -3.32 49.65 24.67
N ARG C 99 -3.81 50.60 23.88
CA ARG C 99 -4.54 51.74 24.41
C ARG C 99 -5.84 51.36 25.11
N ASP C 100 -6.05 51.91 26.30
CA ASP C 100 -7.27 51.71 27.06
C ASP C 100 -8.33 52.71 26.62
N THR C 101 -9.39 52.21 25.97
CA THR C 101 -10.50 53.06 25.56
C THR C 101 -11.77 52.70 26.32
N HIS C 102 -11.69 51.67 27.16
CA HIS C 102 -12.83 51.29 28.00
C HIS C 102 -13.07 52.37 29.04
N ASN C 103 -12.06 52.62 29.87
CA ASN C 103 -12.07 53.77 30.77
C ASN C 103 -10.93 54.72 30.39
N LYS C 104 -11.26 55.77 29.66
CA LYS C 104 -10.24 56.67 29.12
C LYS C 104 -9.61 57.57 30.18
N GLY C 105 -9.95 57.33 31.44
CA GLY C 105 -9.34 58.04 32.55
C GLY C 105 -7.85 57.77 32.65
N ASN C 106 -7.48 56.49 32.60
CA ASN C 106 -6.07 56.12 32.70
C ASN C 106 -5.35 56.35 31.38
N SER C 107 -4.03 56.51 31.45
CA SER C 107 -3.23 56.78 30.26
C SER C 107 -2.25 55.64 29.99
N ALA C 108 -1.98 54.85 31.01
CA ALA C 108 -1.12 53.68 30.86
C ALA C 108 -1.80 52.64 29.98
N LEU C 109 -1.00 51.85 29.29
CA LEU C 109 -1.53 50.82 28.39
C LEU C 109 -2.31 49.76 29.15
N ALA C 110 -3.21 49.08 28.45
CA ALA C 110 -4.06 48.07 29.05
C ALA C 110 -3.93 46.73 28.34
N PRO C 111 -4.07 45.63 29.09
CA PRO C 111 -4.00 44.28 28.48
C PRO C 111 -5.19 44.01 27.57
N ILE C 112 -5.06 43.00 26.72
CA ILE C 112 -6.15 42.62 25.82
C ILE C 112 -7.22 41.81 26.56
N THR C 113 -8.35 42.46 26.82
CA THR C 113 -9.46 41.84 27.55
C THR C 113 -10.76 42.12 26.83
N ASP C 114 -11.89 41.78 27.45
CA ASP C 114 -13.18 42.12 26.87
C ASP C 114 -13.39 43.63 26.86
N GLU C 115 -12.74 44.31 27.79
CA GLU C 115 -12.82 45.76 27.88
C GLU C 115 -12.05 46.42 26.74
N ASN C 116 -10.90 45.83 26.39
CA ASN C 116 -10.10 46.31 25.28
C ASN C 116 -9.60 45.16 24.41
N PRO C 117 -10.49 44.60 23.59
CA PRO C 117 -10.21 43.39 22.79
C PRO C 117 -9.35 43.66 21.56
N LEU C 118 -8.77 42.60 21.03
CA LEU C 118 -8.06 42.66 19.76
C LEU C 118 -9.00 43.10 18.66
N ILE C 119 -8.56 44.06 17.86
CA ILE C 119 -9.37 44.51 16.73
C ILE C 119 -9.06 43.68 15.49
N ILE C 120 -10.06 42.98 14.99
CA ILE C 120 -9.89 42.19 13.77
C ILE C 120 -10.62 42.84 12.60
N ILE C 121 -9.92 42.99 11.49
CA ILE C 121 -10.51 43.51 10.26
C ILE C 121 -10.61 42.40 9.22
N SER C 122 -11.82 41.98 8.91
CA SER C 122 -12.03 40.92 7.94
C SER C 122 -12.33 41.49 6.56
N VAL C 123 -11.70 40.93 5.54
CA VAL C 123 -11.85 41.45 4.18
C VAL C 123 -12.95 40.73 3.40
N LEU C 124 -14.04 41.44 3.15
CA LEU C 124 -15.17 40.89 2.42
C LEU C 124 -14.87 40.82 0.92
N LYS C 125 -15.33 39.76 0.27
CA LYS C 125 -16.19 38.75 0.88
C LYS C 125 -15.48 37.42 1.16
N GLY C 126 -14.35 37.19 0.53
CA GLY C 126 -13.68 35.90 0.58
C GLY C 126 -13.27 35.40 1.94
N SER C 127 -13.16 36.30 2.91
CA SER C 127 -12.64 35.94 4.23
C SER C 127 -13.71 35.69 5.27
N TYR C 128 -14.98 35.89 4.91
CA TYR C 128 -16.05 35.83 5.90
C TYR C 128 -16.23 34.43 6.48
N ILE C 129 -16.03 33.40 5.66
CA ILE C 129 -16.11 32.03 6.16
C ILE C 129 -14.86 31.70 6.98
N PHE C 130 -13.71 32.13 6.49
CA PHE C 130 -12.44 31.97 7.21
C PHE C 130 -12.49 32.66 8.57
N THR C 131 -12.98 33.90 8.58
CA THR C 131 -13.10 34.67 9.81
C THR C 131 -14.07 34.02 10.79
N ALA C 132 -15.18 33.51 10.25
CA ALA C 132 -16.21 32.87 11.07
C ALA C 132 -15.65 31.73 11.91
N ASP C 133 -14.85 30.87 11.29
CA ASP C 133 -14.25 29.77 12.01
C ASP C 133 -13.08 30.23 12.89
N MET C 134 -12.29 31.19 12.40
CA MET C 134 -11.13 31.68 13.15
C MET C 134 -11.50 32.32 14.49
N VAL C 135 -12.50 33.19 14.49
CA VAL C 135 -12.88 33.88 15.73
C VAL C 135 -13.39 32.90 16.77
N ARG C 136 -14.09 31.86 16.33
CA ARG C 136 -14.57 30.83 17.24
C ARG C 136 -13.39 30.05 17.81
N TYR C 137 -12.40 29.78 16.97
CA TYR C 137 -11.17 29.13 17.40
C TYR C 137 -10.38 30.01 18.37
N LEU C 138 -10.39 31.31 18.11
CA LEU C 138 -9.72 32.28 18.99
C LEU C 138 -10.39 32.29 20.36
N GLY C 139 -11.71 32.10 20.36
CA GLY C 139 -12.47 32.04 21.59
C GLY C 139 -12.05 30.83 22.42
N ASP C 140 -11.85 29.70 21.75
CA ASP C 140 -11.38 28.49 22.40
C ASP C 140 -10.07 28.75 23.14
N CYS C 141 -9.19 29.55 22.53
CA CYS C 141 -7.90 29.86 23.12
C CYS C 141 -7.98 31.07 24.06
N GLY C 142 -9.20 31.59 24.24
CA GLY C 142 -9.44 32.66 25.18
C GLY C 142 -8.80 33.99 24.82
N LEU C 143 -8.85 34.34 23.54
CA LEU C 143 -8.34 35.62 23.09
C LEU C 143 -9.49 36.56 22.73
N PRO C 144 -9.79 37.51 23.63
CA PRO C 144 -10.89 38.46 23.43
C PRO C 144 -10.71 39.27 22.15
N ASN C 145 -11.73 39.29 21.30
CA ASN C 145 -11.65 39.99 20.03
C ASN C 145 -13.00 40.50 19.53
N VAL C 146 -12.95 41.51 18.68
CA VAL C 146 -14.13 42.02 17.99
C VAL C 146 -13.81 42.10 16.50
N VAL C 147 -14.85 42.09 15.66
CA VAL C 147 -14.63 42.08 14.22
C VAL C 147 -15.44 43.14 13.49
N ASP C 148 -14.78 43.88 12.61
CA ASP C 148 -15.46 44.74 11.66
C ASP C 148 -14.99 44.36 10.26
N PHE C 149 -15.81 44.64 9.25
CA PHE C 149 -15.51 44.20 7.90
C PHE C 149 -15.15 45.36 6.98
N ILE C 150 -14.31 45.06 5.98
CA ILE C 150 -14.00 46.01 4.92
C ILE C 150 -14.19 45.30 3.57
N ARG C 151 -14.72 46.02 2.59
CA ARG C 151 -15.01 45.45 1.28
CA ARG C 151 -14.98 45.43 1.29
C ARG C 151 -14.07 46.00 0.22
N ILE C 152 -13.27 45.14 -0.40
CA ILE C 152 -12.32 45.57 -1.41
C ILE C 152 -12.71 45.05 -2.80
N VAL C 165 -7.06 47.52 -7.60
CA VAL C 165 -8.03 47.13 -6.59
C VAL C 165 -8.48 48.33 -5.76
N GLN C 166 -9.79 48.43 -5.54
CA GLN C 166 -10.37 49.58 -4.86
C GLN C 166 -11.18 49.16 -3.63
N VAL C 167 -11.37 50.10 -2.71
CA VAL C 167 -12.18 49.86 -1.51
C VAL C 167 -13.61 50.33 -1.72
N LEU C 168 -14.57 49.43 -1.47
CA LEU C 168 -15.98 49.73 -1.68
C LEU C 168 -16.66 50.22 -0.42
N ASP C 169 -16.64 49.40 0.62
CA ASP C 169 -17.26 49.75 1.90
C ASP C 169 -16.22 49.85 3.01
N ASN C 170 -16.10 51.03 3.58
CA ASN C 170 -15.11 51.27 4.63
C ASN C 170 -15.49 50.66 5.97
N LEU C 171 -14.58 50.76 6.93
CA LEU C 171 -14.84 50.30 8.29
C LEU C 171 -15.89 51.17 8.98
N ARG C 172 -16.42 50.67 10.09
CA ARG C 172 -17.35 51.45 10.89
C ARG C 172 -16.79 51.64 12.31
N PHE C 173 -15.70 50.93 12.60
CA PHE C 173 -14.91 51.20 13.79
C PHE C 173 -14.06 52.44 13.54
N THR C 174 -14.02 53.36 14.50
CA THR C 174 -13.28 54.60 14.31
C THR C 174 -12.15 54.78 15.32
N GLU C 175 -12.15 53.96 16.36
CA GLU C 175 -11.20 54.13 17.45
C GLU C 175 -10.10 53.06 17.44
N LEU C 176 -9.35 53.01 16.34
CA LEU C 176 -8.29 52.02 16.17
C LEU C 176 -6.92 52.55 16.60
N THR C 177 -6.85 53.83 16.95
CA THR C 177 -5.58 54.46 17.30
C THR C 177 -4.96 53.81 18.54
N GLY C 178 -3.74 53.32 18.39
CA GLY C 178 -3.02 52.72 19.50
C GLY C 178 -3.54 51.34 19.88
N LYS C 179 -4.35 50.76 19.01
CA LYS C 179 -4.86 49.40 19.23
C LYS C 179 -4.03 48.37 18.48
N HIS C 180 -3.99 47.15 19.00
CA HIS C 180 -3.44 46.03 18.25
C HIS C 180 -4.48 45.57 17.24
N VAL C 181 -4.16 45.66 15.95
CA VAL C 181 -5.12 45.31 14.91
C VAL C 181 -4.65 44.15 14.05
N LEU C 182 -5.53 43.16 13.88
CA LEU C 182 -5.22 41.98 13.06
C LEU C 182 -6.09 41.96 11.80
N ILE C 183 -5.46 42.02 10.64
CA ILE C 183 -6.17 41.89 9.37
C ILE C 183 -6.36 40.43 9.01
N MET C 184 -7.61 40.04 8.73
CA MET C 184 -7.93 38.67 8.36
C MET C 184 -8.27 38.57 6.88
N GLU C 185 -7.28 38.19 6.08
CA GLU C 185 -7.46 38.07 4.63
C GLU C 185 -7.37 36.61 4.19
N ASP C 186 -8.15 36.25 3.17
CA ASP C 186 -8.22 34.85 2.74
C ASP C 186 -7.00 34.41 1.92
N ILE C 187 -6.57 35.24 0.98
CA ILE C 187 -5.50 34.86 0.04
C ILE C 187 -4.45 35.96 -0.11
N ALA C 188 -3.19 35.56 -0.17
CA ALA C 188 -2.10 36.48 -0.49
C ALA C 188 -1.33 35.97 -1.70
N ASP C 189 -1.51 36.62 -2.84
CA ASP C 189 -0.90 36.17 -4.09
C ASP C 189 0.19 37.15 -4.54
N THR C 190 -0.21 38.17 -5.30
CA THR C 190 0.73 39.18 -5.76
C THR C 190 1.20 40.04 -4.59
N GLY C 191 0.31 40.26 -3.62
CA GLY C 191 0.63 41.04 -2.45
C GLY C 191 0.21 42.49 -2.59
N ARG C 192 -0.38 42.82 -3.74
CA ARG C 192 -0.78 44.19 -4.03
C ARG C 192 -1.97 44.64 -3.18
N THR C 193 -2.95 43.76 -3.02
CA THR C 193 -4.14 44.07 -2.23
C THR C 193 -3.79 44.36 -0.78
N MET C 194 -2.96 43.50 -0.21
CA MET C 194 -2.59 43.62 1.19
C MET C 194 -1.60 44.74 1.46
N LYS C 195 -0.75 45.05 0.49
CA LYS C 195 0.14 46.19 0.62
C LYS C 195 -0.69 47.47 0.61
N LEU C 196 -1.77 47.44 -0.16
CA LEU C 196 -2.72 48.56 -0.21
C LEU C 196 -3.44 48.72 1.12
N LEU C 197 -3.97 47.61 1.63
CA LEU C 197 -4.78 47.63 2.85
C LEU C 197 -3.94 47.99 4.08
N VAL C 198 -2.75 47.40 4.18
CA VAL C 198 -1.87 47.66 5.32
C VAL C 198 -1.47 49.14 5.39
N GLU C 199 -1.07 49.69 4.24
CA GLU C 199 -0.68 51.09 4.17
C GLU C 199 -1.87 52.01 4.46
N LYS C 200 -3.06 51.59 4.04
CA LYS C 200 -4.26 52.38 4.28
C LYS C 200 -4.64 52.42 5.76
N ILE C 201 -4.72 51.25 6.38
CA ILE C 201 -5.06 51.15 7.80
C ILE C 201 -4.01 51.87 8.65
N ARG C 202 -2.75 51.74 8.25
CA ARG C 202 -1.65 52.40 8.93
CA ARG C 202 -1.64 52.40 8.93
C ARG C 202 -1.87 53.91 9.00
N ARG C 203 -1.95 54.54 7.83
CA ARG C 203 -2.06 55.99 7.73
C ARG C 203 -3.37 56.55 8.28
N GLU C 204 -4.47 55.83 8.06
CA GLU C 204 -5.79 56.37 8.38
C GLU C 204 -6.26 56.10 9.80
N TYR C 205 -5.72 55.04 10.42
CA TYR C 205 -6.22 54.63 11.74
C TYR C 205 -5.13 54.67 12.80
N ARG C 206 -3.87 54.56 12.37
CA ARG C 206 -2.71 54.64 13.26
C ARG C 206 -2.77 53.64 14.42
N PRO C 207 -2.78 52.33 14.12
CA PRO C 207 -2.81 51.33 15.18
C PRO C 207 -1.44 51.13 15.82
N ALA C 208 -1.42 50.63 17.06
CA ALA C 208 -0.16 50.36 17.74
C ALA C 208 0.59 49.24 17.04
N SER C 209 -0.14 48.25 16.55
CA SER C 209 0.44 47.20 15.73
C SER C 209 -0.55 46.75 14.66
N LEU C 210 -0.02 46.31 13.53
CA LEU C 210 -0.85 45.86 12.43
C LEU C 210 -0.24 44.62 11.77
N LYS C 211 -0.83 43.47 12.03
CA LYS C 211 -0.35 42.22 11.45
C LYS C 211 -1.42 41.58 10.57
N VAL C 212 -0.98 40.75 9.63
CA VAL C 212 -1.89 40.12 8.68
C VAL C 212 -1.88 38.60 8.85
N CYS C 213 -3.08 38.03 9.00
CA CYS C 213 -3.24 36.58 9.04
C CYS C 213 -3.94 36.11 7.78
N VAL C 214 -3.32 35.20 7.05
CA VAL C 214 -3.93 34.68 5.83
C VAL C 214 -4.19 33.17 5.92
N LEU C 215 -5.21 32.73 5.20
CA LEU C 215 -5.54 31.32 5.11
C LEU C 215 -4.61 30.62 4.12
N VAL C 216 -4.54 31.15 2.92
CA VAL C 216 -3.67 30.61 1.88
C VAL C 216 -2.68 31.66 1.38
N ASP C 217 -1.40 31.35 1.50
CA ASP C 217 -0.35 32.21 0.96
C ASP C 217 0.27 31.59 -0.28
N LYS C 218 0.39 32.38 -1.34
CA LYS C 218 1.04 31.93 -2.56
C LYS C 218 2.26 32.78 -2.84
N PRO C 219 3.38 32.48 -2.17
CA PRO C 219 4.59 33.32 -2.19
C PRO C 219 5.29 33.36 -3.54
N GLY C 220 4.95 32.43 -4.43
CA GLY C 220 5.56 32.38 -5.75
C GLY C 220 4.94 33.37 -6.71
N GLY C 221 3.91 34.09 -6.26
CA GLY C 221 3.23 35.05 -7.10
C GLY C 221 3.51 36.49 -6.72
N ARG C 222 4.42 36.69 -5.77
CA ARG C 222 4.74 38.01 -5.27
C ARG C 222 5.29 38.94 -6.35
N VAL C 223 4.65 40.10 -6.50
CA VAL C 223 5.13 41.12 -7.41
C VAL C 223 5.58 42.36 -6.63
N VAL C 224 5.16 42.44 -5.37
CA VAL C 224 5.56 43.52 -4.49
C VAL C 224 5.99 42.97 -3.13
N ASP C 225 6.66 43.81 -2.35
CA ASP C 225 7.18 43.41 -1.05
C ASP C 225 6.09 43.31 0.01
N PHE C 226 5.58 42.11 0.22
CA PHE C 226 4.61 41.86 1.27
C PHE C 226 4.69 40.43 1.79
N LYS C 227 4.78 40.28 3.11
CA LYS C 227 4.81 38.95 3.72
C LYS C 227 3.94 38.93 4.97
N PRO C 228 2.86 38.13 4.94
CA PRO C 228 1.95 37.98 6.09
C PRO C 228 2.66 37.37 7.30
N GLU C 229 2.48 37.99 8.46
CA GLU C 229 3.08 37.49 9.69
C GLU C 229 2.56 36.10 10.04
N PHE C 230 1.28 35.87 9.73
CA PHE C 230 0.63 34.62 10.05
C PHE C 230 0.06 33.97 8.80
N VAL C 231 0.46 32.72 8.56
CA VAL C 231 0.03 31.98 7.37
C VAL C 231 -0.44 30.58 7.76
N CYS C 232 -1.69 30.26 7.39
CA CYS C 232 -2.24 28.93 7.66
C CYS C 232 -1.73 27.91 6.65
N LEU C 233 -2.05 28.14 5.37
CA LEU C 233 -1.69 27.19 4.32
C LEU C 233 -0.86 27.86 3.23
N THR C 234 0.02 27.09 2.60
CA THR C 234 0.82 27.59 1.48
C THR C 234 0.54 26.77 0.23
N ALA C 235 0.20 27.47 -0.85
CA ALA C 235 -0.22 26.82 -2.08
C ALA C 235 0.61 27.29 -3.28
N PRO C 236 0.69 26.48 -4.34
CA PRO C 236 1.40 26.88 -5.56
C PRO C 236 0.68 28.02 -6.28
N THR C 237 1.32 28.57 -7.31
CA THR C 237 0.75 29.69 -8.05
C THR C 237 -0.36 29.26 -8.99
N ARG C 238 -1.39 28.64 -8.44
CA ARG C 238 -2.54 28.19 -9.23
C ARG C 238 -3.82 28.81 -8.70
N TYR C 239 -4.80 29.00 -9.58
CA TYR C 239 -6.08 29.54 -9.15
C TYR C 239 -6.84 28.49 -8.35
N VAL C 240 -7.24 28.86 -7.14
CA VAL C 240 -7.82 27.93 -6.18
C VAL C 240 -9.29 28.26 -5.91
N VAL C 241 -10.10 27.23 -5.63
CA VAL C 241 -11.51 27.43 -5.32
C VAL C 241 -11.94 26.60 -4.11
N GLY C 242 -13.09 26.94 -3.53
CA GLY C 242 -13.58 26.27 -2.36
C GLY C 242 -13.20 26.99 -1.08
N TYR C 243 -14.01 26.80 -0.04
CA TYR C 243 -13.83 27.44 1.27
C TYR C 243 -13.48 28.93 1.18
N GLY C 244 -14.42 29.72 0.65
CA GLY C 244 -14.22 31.15 0.56
C GLY C 244 -13.79 31.59 -0.83
N PHE C 245 -12.98 30.76 -1.48
CA PHE C 245 -12.46 31.07 -2.80
C PHE C 245 -13.46 30.66 -3.87
N GLU C 246 -13.55 31.45 -4.94
CA GLU C 246 -14.69 31.34 -5.85
C GLU C 246 -14.37 31.56 -7.33
N VAL C 247 -15.37 31.26 -8.15
CA VAL C 247 -15.40 31.68 -9.54
C VAL C 247 -16.76 32.31 -9.80
N ASN C 248 -16.81 33.64 -9.78
CA ASN C 248 -18.06 34.38 -9.83
C ASN C 248 -19.03 33.91 -8.74
N ASP C 249 -18.55 33.95 -7.50
CA ASP C 249 -19.32 33.57 -6.31
C ASP C 249 -19.73 32.09 -6.27
N ARG C 250 -19.25 31.30 -7.22
CA ARG C 250 -19.48 29.85 -7.17
C ARG C 250 -18.45 29.16 -6.31
N TYR C 251 -18.82 28.00 -5.76
CA TYR C 251 -17.91 27.11 -5.04
C TYR C 251 -17.48 27.64 -3.66
N ARG C 252 -17.91 28.84 -3.30
CA ARG C 252 -17.55 29.45 -2.02
C ARG C 252 -17.86 28.58 -0.81
N ASN C 253 -18.96 27.84 -0.89
CA ASN C 253 -19.44 27.08 0.27
C ASN C 253 -18.87 25.68 0.37
N TYR C 254 -18.00 25.30 -0.55
CA TYR C 254 -17.35 24.00 -0.50
C TYR C 254 -16.41 23.92 0.70
N ARG C 255 -16.35 22.75 1.32
CA ARG C 255 -15.61 22.59 2.58
C ARG C 255 -14.12 22.31 2.36
N HIS C 256 -13.72 22.17 1.10
CA HIS C 256 -12.34 21.87 0.77
C HIS C 256 -11.77 22.90 -0.21
N VAL C 257 -10.45 22.99 -0.28
CA VAL C 257 -9.80 23.88 -1.23
C VAL C 257 -9.23 23.10 -2.42
N PHE C 258 -9.65 23.48 -3.62
CA PHE C 258 -9.28 22.77 -4.84
C PHE C 258 -8.52 23.66 -5.81
N VAL C 259 -7.60 23.06 -6.56
CA VAL C 259 -7.04 23.74 -7.73
C VAL C 259 -8.08 23.64 -8.84
N LEU C 260 -8.51 24.80 -9.34
CA LEU C 260 -9.55 24.82 -10.36
C LEU C 260 -9.02 24.41 -11.74
N LYS C 261 -9.79 23.59 -12.44
CA LYS C 261 -9.50 23.28 -13.83
C LYS C 261 -9.55 24.56 -14.67
N PRO C 262 -8.46 24.83 -15.41
CA PRO C 262 -8.38 25.98 -16.33
C PRO C 262 -9.60 26.14 -17.23
N GLU C 263 -10.23 25.02 -17.60
CA GLU C 263 -11.38 25.04 -18.50
C GLU C 263 -12.67 25.41 -17.77
N TYR C 264 -12.56 25.75 -16.49
CA TYR C 264 -13.72 26.15 -15.70
C TYR C 264 -13.63 27.61 -15.28
N ALA C 265 -12.55 28.27 -15.70
CA ALA C 265 -12.28 29.66 -15.30
C ALA C 265 -13.37 30.63 -15.76
N LYS C 266 -13.83 30.45 -16.99
CA LYS C 266 -14.87 31.31 -17.54
C LYS C 266 -16.16 30.54 -17.78
N ARG C 267 -16.59 29.79 -16.76
CA ARG C 267 -17.78 28.97 -16.87
C ARG C 267 -19.04 29.77 -16.56
N TYR C 268 -18.90 30.76 -15.68
CA TYR C 268 -20.04 31.61 -15.32
C TYR C 268 -19.70 33.08 -15.50
N PRO C 269 -19.79 33.55 -16.76
CA PRO C 269 -19.41 34.93 -17.10
C PRO C 269 -20.54 35.94 -16.89
N SER C 270 -21.78 35.46 -16.81
CA SER C 270 -22.93 36.34 -16.64
C SER C 270 -22.90 37.03 -15.29
N LYS C 271 -23.16 38.33 -15.32
CA LYS C 271 -23.18 39.15 -14.10
C LYS C 271 -24.31 38.75 -13.18
N LEU C 272 -24.01 38.65 -11.88
CA LEU C 272 -25.01 38.31 -10.88
C LEU C 272 -25.75 39.57 -10.40
N LYS D 46 28.53 -36.79 -5.13
CA LYS D 46 27.16 -37.23 -5.36
C LYS D 46 26.42 -37.76 -4.11
N PRO D 47 27.13 -38.40 -3.15
CA PRO D 47 26.30 -38.86 -2.04
C PRO D 47 26.09 -37.77 -1.00
N ASN D 48 24.99 -37.86 -0.25
CA ASN D 48 24.71 -36.89 0.79
C ASN D 48 25.68 -37.03 1.96
N VAL D 49 26.08 -35.89 2.53
CA VAL D 49 27.02 -35.88 3.63
C VAL D 49 26.30 -35.90 4.97
N VAL D 50 26.67 -36.86 5.82
CA VAL D 50 26.07 -37.00 7.13
C VAL D 50 27.06 -36.58 8.20
N GLY D 51 26.60 -35.80 9.18
CA GLY D 51 27.47 -35.36 10.25
C GLY D 51 26.74 -34.92 11.49
N ARG D 52 27.43 -34.14 12.31
CA ARG D 52 26.87 -33.55 13.52
C ARG D 52 27.29 -32.08 13.57
N ASP D 53 26.46 -31.23 14.17
CA ASP D 53 26.83 -29.82 14.33
C ASP D 53 27.39 -29.57 15.72
N ALA D 54 27.53 -28.29 16.07
CA ALA D 54 28.07 -27.90 17.37
C ALA D 54 27.12 -28.28 18.50
N ASP D 55 25.83 -28.34 18.19
CA ASP D 55 24.83 -28.71 19.18
C ASP D 55 24.73 -30.22 19.34
N GLY D 56 25.33 -30.96 18.40
CA GLY D 56 25.29 -32.41 18.43
C GLY D 56 24.10 -32.97 17.68
N ASN D 57 23.40 -32.10 16.96
CA ASN D 57 22.26 -32.52 16.15
C ASN D 57 22.69 -33.22 14.87
N VAL D 58 21.88 -34.15 14.40
CA VAL D 58 22.13 -34.81 13.14
C VAL D 58 22.00 -33.81 11.99
N THR D 59 22.96 -33.82 11.08
CA THR D 59 22.89 -32.99 9.89
C THR D 59 23.05 -33.84 8.62
N VAL D 60 22.36 -33.43 7.57
CA VAL D 60 22.56 -33.99 6.25
C VAL D 60 22.72 -32.85 5.25
N ASP D 61 23.88 -32.80 4.60
CA ASP D 61 24.21 -31.72 3.67
C ASP D 61 24.04 -30.33 4.29
N GLY D 62 24.41 -30.20 5.55
CA GLY D 62 24.36 -28.92 6.23
C GLY D 62 23.10 -28.66 7.02
N ARG D 63 21.96 -29.11 6.50
CA ARG D 63 20.68 -28.90 7.18
C ARG D 63 20.57 -29.72 8.44
N SER D 64 20.13 -29.08 9.52
CA SER D 64 20.00 -29.74 10.82
C SER D 64 18.67 -30.44 10.98
N TYR D 65 18.68 -31.58 11.67
CA TYR D 65 17.46 -32.34 11.93
C TYR D 65 17.36 -32.70 13.42
N PRO D 66 16.85 -31.76 14.23
CA PRO D 66 16.80 -31.92 15.69
C PRO D 66 15.96 -33.11 16.16
N MET D 67 15.03 -33.56 15.34
CA MET D 67 14.15 -34.65 15.73
C MET D 67 14.79 -36.01 15.47
N ALA D 68 15.91 -36.00 14.76
CA ALA D 68 16.58 -37.23 14.34
C ALA D 68 17.59 -37.72 15.38
N GLU D 69 17.43 -38.98 15.78
CA GLU D 69 18.40 -39.62 16.66
C GLU D 69 19.60 -40.11 15.84
N SER D 70 19.31 -40.58 14.63
CA SER D 70 20.35 -41.04 13.71
C SER D 70 19.81 -41.12 12.29
N VAL D 71 20.69 -41.40 11.34
CA VAL D 71 20.30 -41.54 9.94
C VAL D 71 20.18 -43.01 9.55
N VAL D 72 19.04 -43.38 9.00
CA VAL D 72 18.86 -44.74 8.47
C VAL D 72 19.45 -44.82 7.07
N ALA D 73 19.04 -43.88 6.21
CA ALA D 73 19.55 -43.79 4.86
C ALA D 73 19.31 -42.41 4.27
N THR D 74 20.28 -41.91 3.52
CA THR D 74 20.14 -40.63 2.83
C THR D 74 19.48 -40.83 1.47
N GLU D 75 19.07 -39.73 0.85
CA GLU D 75 18.40 -39.77 -0.45
C GLU D 75 19.18 -40.55 -1.50
N SER D 76 20.49 -40.33 -1.54
CA SER D 76 21.35 -40.99 -2.52
C SER D 76 21.40 -42.49 -2.28
N THR D 77 21.45 -42.90 -1.01
CA THR D 77 21.45 -44.31 -0.65
C THR D 77 20.10 -44.93 -0.95
N ILE D 78 19.03 -44.20 -0.65
CA ILE D 78 17.67 -44.64 -0.91
C ILE D 78 17.42 -44.82 -2.39
N HIS D 79 17.79 -43.82 -3.18
CA HIS D 79 17.57 -43.89 -4.62
C HIS D 79 18.45 -44.93 -5.29
N ARG D 80 19.57 -45.25 -4.66
CA ARG D 80 20.46 -46.27 -5.20
C ARG D 80 19.81 -47.64 -5.14
N SER D 81 19.21 -47.96 -4.00
CA SER D 81 18.57 -49.25 -3.80
C SER D 81 17.29 -49.37 -4.63
N MET D 82 16.57 -48.26 -4.76
CA MET D 82 15.32 -48.25 -5.52
C MET D 82 15.57 -48.42 -7.02
N LYS D 83 16.66 -47.87 -7.51
CA LYS D 83 17.06 -48.11 -8.89
C LYS D 83 17.44 -49.58 -9.08
N GLU D 84 18.10 -50.15 -8.08
CA GLU D 84 18.47 -51.56 -8.10
C GLU D 84 17.25 -52.45 -7.93
N MET D 85 16.28 -51.96 -7.18
CA MET D 85 15.03 -52.70 -6.95
C MET D 85 14.17 -52.70 -8.21
N ALA D 86 14.15 -51.57 -8.90
CA ALA D 86 13.38 -51.44 -10.13
C ALA D 86 13.93 -52.38 -11.19
N GLN D 87 15.25 -52.53 -11.20
CA GLN D 87 15.92 -53.42 -12.14
C GLN D 87 15.66 -54.87 -11.79
N THR D 88 15.57 -55.16 -10.50
CA THR D 88 15.23 -56.49 -10.01
C THR D 88 13.79 -56.85 -10.38
N LEU D 89 12.90 -55.88 -10.20
CA LEU D 89 11.50 -56.04 -10.58
C LEU D 89 11.35 -56.23 -12.08
N ALA D 90 12.16 -55.49 -12.84
CA ALA D 90 12.14 -55.60 -14.29
C ALA D 90 12.48 -57.01 -14.73
N ASN D 91 13.59 -57.54 -14.20
CA ASN D 91 14.05 -58.87 -14.56
C ASN D 91 13.13 -59.99 -14.07
N ALA D 92 12.14 -59.64 -13.24
CA ALA D 92 11.24 -60.62 -12.66
C ALA D 92 9.89 -60.66 -13.35
N TYR D 93 9.58 -59.61 -14.12
CA TYR D 93 8.25 -59.48 -14.71
C TYR D 93 8.28 -59.30 -16.22
N LYS D 94 9.38 -58.76 -16.73
CA LYS D 94 9.49 -58.40 -18.14
C LYS D 94 9.18 -59.57 -19.08
N THR D 95 9.65 -60.76 -18.74
CA THR D 95 9.45 -61.93 -19.58
C THR D 95 8.35 -62.84 -19.04
N LEU D 96 7.38 -62.26 -18.36
CA LEU D 96 6.26 -63.03 -17.82
C LEU D 96 4.99 -62.77 -18.62
N LYS D 97 4.10 -63.76 -18.63
CA LYS D 97 2.82 -63.63 -19.34
C LYS D 97 1.66 -63.82 -18.37
N HIS D 98 0.51 -63.24 -18.70
CA HIS D 98 -0.68 -63.36 -17.87
C HIS D 98 -1.95 -63.24 -18.70
N ARG D 99 -3.09 -63.12 -18.02
CA ARG D 99 -4.39 -63.08 -18.69
CA ARG D 99 -4.39 -63.08 -18.69
C ARG D 99 -4.53 -61.85 -19.58
N ASP D 100 -5.01 -62.07 -20.80
CA ASP D 100 -5.20 -60.99 -21.76
C ASP D 100 -6.63 -60.44 -21.66
N THR D 101 -6.75 -59.24 -21.12
CA THR D 101 -8.05 -58.60 -20.98
C THR D 101 -8.26 -57.54 -22.06
N HIS D 102 -7.18 -57.18 -22.75
CA HIS D 102 -7.27 -56.26 -23.87
C HIS D 102 -8.01 -56.94 -25.02
N ASN D 103 -7.87 -58.26 -25.07
CA ASN D 103 -8.61 -59.10 -26.00
C ASN D 103 -9.03 -60.37 -25.29
N LYS D 104 -10.20 -60.33 -24.65
CA LYS D 104 -10.66 -61.45 -23.84
C LYS D 104 -11.08 -62.66 -24.68
N GLY D 105 -11.16 -62.44 -26.00
CA GLY D 105 -11.45 -63.52 -26.91
C GLY D 105 -10.18 -64.20 -27.39
N ASN D 106 -9.19 -64.29 -26.51
CA ASN D 106 -7.91 -64.89 -26.84
C ASN D 106 -7.58 -66.07 -25.94
N SER D 107 -7.07 -67.14 -26.54
CA SER D 107 -6.77 -68.37 -25.80
C SER D 107 -5.53 -68.23 -24.92
N ALA D 108 -4.39 -67.96 -25.57
CA ALA D 108 -3.10 -67.95 -24.88
C ALA D 108 -2.94 -66.77 -23.94
N LEU D 109 -1.88 -66.80 -23.15
CA LEU D 109 -1.56 -65.71 -22.23
C LEU D 109 -0.74 -64.65 -22.94
N ALA D 110 -1.04 -63.38 -22.67
CA ALA D 110 -0.33 -62.28 -23.30
C ALA D 110 0.80 -61.78 -22.41
N PRO D 111 1.88 -61.28 -23.03
CA PRO D 111 3.02 -60.73 -22.28
C PRO D 111 2.70 -59.38 -21.66
N ILE D 112 3.53 -58.93 -20.73
CA ILE D 112 3.32 -57.64 -20.08
C ILE D 112 3.71 -56.50 -21.02
N THR D 113 2.69 -55.83 -21.55
CA THR D 113 2.88 -54.69 -22.44
C THR D 113 1.98 -53.54 -22.00
N ASP D 114 1.81 -52.54 -22.86
CA ASP D 114 0.92 -51.43 -22.55
C ASP D 114 -0.54 -51.85 -22.63
N GLU D 115 -0.80 -52.94 -23.37
CA GLU D 115 -2.15 -53.47 -23.49
C GLU D 115 -2.53 -54.32 -22.27
N ASN D 116 -1.53 -55.03 -21.72
CA ASN D 116 -1.72 -55.78 -20.49
C ASN D 116 -0.59 -55.50 -19.49
N PRO D 117 -0.65 -54.33 -18.83
CA PRO D 117 0.44 -53.89 -17.95
C PRO D 117 0.47 -54.62 -16.61
N LEU D 118 1.60 -54.51 -15.92
CA LEU D 118 1.72 -55.02 -14.56
C LEU D 118 0.82 -54.21 -13.64
N ILE D 119 -0.03 -54.89 -12.87
CA ILE D 119 -0.93 -54.19 -11.96
C ILE D 119 -0.20 -53.85 -10.67
N ILE D 120 -0.14 -52.55 -10.35
CA ILE D 120 0.49 -52.11 -9.11
C ILE D 120 -0.54 -51.56 -8.14
N ILE D 121 -0.47 -52.02 -6.90
CA ILE D 121 -1.36 -51.55 -5.84
C ILE D 121 -0.55 -50.83 -4.76
N SER D 122 -0.75 -49.52 -4.66
CA SER D 122 -0.03 -48.72 -3.68
C SER D 122 -0.93 -48.38 -2.50
N VAL D 123 -0.36 -48.41 -1.30
CA VAL D 123 -1.12 -48.18 -0.08
C VAL D 123 -0.98 -46.74 0.40
N LEU D 124 -2.07 -45.98 0.31
CA LEU D 124 -2.11 -44.61 0.82
C LEU D 124 -2.14 -44.62 2.34
N LYS D 125 -1.54 -43.61 2.98
CA LYS D 125 -0.90 -42.48 2.30
C LYS D 125 0.61 -42.64 2.23
N GLY D 126 1.15 -43.52 3.05
CA GLY D 126 2.59 -43.60 3.27
C GLY D 126 3.46 -44.02 2.11
N SER D 127 2.86 -44.60 1.07
CA SER D 127 3.63 -45.14 -0.04
CA SER D 127 3.65 -45.13 -0.04
C SER D 127 3.52 -44.31 -1.31
N TYR D 128 2.83 -43.16 -1.23
CA TYR D 128 2.58 -42.37 -2.43
C TYR D 128 3.86 -41.72 -2.99
N ILE D 129 4.80 -41.37 -2.11
CA ILE D 129 6.07 -40.83 -2.58
C ILE D 129 6.95 -41.96 -3.10
N PHE D 130 7.09 -43.01 -2.30
CA PHE D 130 7.80 -44.22 -2.71
C PHE D 130 7.34 -44.73 -4.08
N THR D 131 6.03 -44.82 -4.27
CA THR D 131 5.47 -45.32 -5.53
C THR D 131 5.72 -44.37 -6.69
N ALA D 132 5.66 -43.07 -6.42
CA ALA D 132 5.86 -42.04 -7.45
C ALA D 132 7.23 -42.17 -8.09
N ASP D 133 8.25 -42.44 -7.29
CA ASP D 133 9.60 -42.62 -7.78
C ASP D 133 9.78 -43.99 -8.43
N MET D 134 9.24 -45.02 -7.80
CA MET D 134 9.38 -46.40 -8.27
C MET D 134 8.85 -46.62 -9.68
N VAL D 135 7.62 -46.20 -9.93
CA VAL D 135 7.00 -46.39 -11.24
C VAL D 135 7.77 -45.67 -12.34
N ARG D 136 8.46 -44.58 -11.99
CA ARG D 136 9.29 -43.87 -12.94
C ARG D 136 10.58 -44.64 -13.20
N TYR D 137 11.16 -45.21 -12.15
CA TYR D 137 12.31 -46.09 -12.28
C TYR D 137 11.96 -47.33 -13.09
N LEU D 138 10.73 -47.82 -12.91
CA LEU D 138 10.23 -48.96 -13.66
C LEU D 138 10.05 -48.61 -15.13
N GLY D 139 9.72 -47.35 -15.39
CA GLY D 139 9.58 -46.86 -16.76
C GLY D 139 10.93 -46.80 -17.44
N ASP D 140 11.97 -46.50 -16.66
CA ASP D 140 13.33 -46.45 -17.19
C ASP D 140 13.81 -47.84 -17.59
N CYS D 141 13.29 -48.86 -16.91
CA CYS D 141 13.62 -50.24 -17.22
C CYS D 141 12.71 -50.79 -18.30
N GLY D 142 11.68 -50.04 -18.64
CA GLY D 142 10.79 -50.40 -19.73
C GLY D 142 9.70 -51.40 -19.35
N LEU D 143 9.30 -51.38 -18.08
CA LEU D 143 8.25 -52.27 -17.61
C LEU D 143 6.91 -51.55 -17.52
N PRO D 144 5.99 -51.86 -18.45
CA PRO D 144 4.65 -51.26 -18.47
C PRO D 144 3.87 -51.57 -17.19
N ASN D 145 3.24 -50.54 -16.62
CA ASN D 145 2.52 -50.72 -15.37
C ASN D 145 1.43 -49.68 -15.15
N VAL D 146 0.38 -50.08 -14.44
CA VAL D 146 -0.68 -49.17 -14.04
C VAL D 146 -0.82 -49.19 -12.52
N VAL D 147 -1.17 -48.04 -11.95
CA VAL D 147 -1.23 -47.90 -10.50
C VAL D 147 -2.63 -47.57 -10.01
N ASP D 148 -3.07 -48.29 -8.98
CA ASP D 148 -4.29 -47.94 -8.25
C ASP D 148 -3.96 -47.83 -6.77
N PHE D 149 -4.70 -46.98 -6.07
CA PHE D 149 -4.43 -46.73 -4.65
C PHE D 149 -5.51 -47.33 -3.75
N ILE D 150 -5.09 -47.75 -2.56
CA ILE D 150 -6.01 -48.23 -1.53
C ILE D 150 -5.66 -47.60 -0.19
N ARG D 151 -6.67 -47.30 0.60
CA ARG D 151 -6.44 -46.73 1.92
C ARG D 151 -6.76 -47.73 3.02
N ILE D 152 -5.82 -47.92 3.93
CA ILE D 152 -5.99 -48.87 5.03
C ILE D 152 -5.90 -48.17 6.38
N LEU D 168 -8.76 -53.50 3.64
CA LEU D 168 -9.70 -52.79 4.49
C LEU D 168 -10.53 -51.82 3.65
N ASP D 169 -10.30 -51.85 2.34
CA ASP D 169 -11.03 -50.98 1.42
C ASP D 169 -11.08 -51.60 0.02
N ASN D 170 -12.23 -51.47 -0.63
CA ASN D 170 -12.41 -51.98 -1.98
C ASN D 170 -11.76 -51.06 -3.01
N LEU D 171 -10.84 -51.61 -3.79
CA LEU D 171 -10.13 -50.84 -4.82
C LEU D 171 -10.99 -50.65 -6.06
N ARG D 172 -10.57 -49.73 -6.92
CA ARG D 172 -11.34 -49.39 -8.12
C ARG D 172 -11.06 -50.35 -9.27
N PHE D 173 -9.85 -50.91 -9.30
CA PHE D 173 -9.53 -51.94 -10.28
C PHE D 173 -10.29 -53.22 -9.95
N THR D 174 -10.80 -53.88 -10.97
CA THR D 174 -11.64 -55.06 -10.77
C THR D 174 -11.09 -56.31 -11.46
N GLU D 175 -10.46 -56.12 -12.62
CA GLU D 175 -9.98 -57.24 -13.41
C GLU D 175 -8.53 -57.60 -13.05
N LEU D 176 -8.36 -58.22 -11.90
CA LEU D 176 -7.03 -58.61 -11.41
C LEU D 176 -6.80 -60.10 -11.57
N THR D 177 -7.88 -60.83 -11.84
CA THR D 177 -7.82 -62.29 -11.94
C THR D 177 -6.91 -62.73 -13.08
N GLY D 178 -5.93 -63.57 -12.76
CA GLY D 178 -5.02 -64.11 -13.76
C GLY D 178 -3.98 -63.10 -14.22
N LYS D 179 -3.80 -62.05 -13.43
CA LYS D 179 -2.81 -61.02 -13.77
C LYS D 179 -1.72 -60.95 -12.71
N HIS D 180 -0.51 -60.57 -13.14
CA HIS D 180 0.57 -60.33 -12.20
C HIS D 180 0.31 -59.01 -11.47
N VAL D 181 0.24 -59.09 -10.15
CA VAL D 181 -0.09 -57.92 -9.34
C VAL D 181 1.01 -57.65 -8.32
N LEU D 182 1.45 -56.40 -8.24
CA LEU D 182 2.50 -56.01 -7.32
C LEU D 182 2.03 -54.95 -6.32
N ILE D 183 2.20 -55.24 -5.04
CA ILE D 183 1.85 -54.28 -3.99
C ILE D 183 3.07 -53.47 -3.55
N MET D 184 2.94 -52.16 -3.56
CA MET D 184 3.98 -51.29 -3.04
C MET D 184 3.56 -50.70 -1.70
N GLU D 185 4.19 -51.19 -0.64
CA GLU D 185 3.92 -50.70 0.71
C GLU D 185 5.15 -49.96 1.23
N ASP D 186 4.92 -48.92 2.03
CA ASP D 186 6.02 -48.12 2.55
C ASP D 186 6.86 -48.90 3.56
N ILE D 187 6.21 -49.53 4.53
CA ILE D 187 6.93 -50.22 5.59
C ILE D 187 6.20 -51.47 6.08
N ALA D 188 6.98 -52.50 6.43
CA ALA D 188 6.45 -53.71 7.04
C ALA D 188 7.11 -53.94 8.39
N ASP D 189 6.32 -53.91 9.45
CA ASP D 189 6.81 -54.13 10.80
C ASP D 189 6.32 -55.48 11.32
N THR D 190 5.11 -55.49 11.88
CA THR D 190 4.51 -56.72 12.38
C THR D 190 4.10 -57.63 11.23
N GLY D 191 3.83 -57.02 10.07
CA GLY D 191 3.42 -57.77 8.89
C GLY D 191 1.93 -58.02 8.83
N ARG D 192 1.23 -57.59 9.88
CA ARG D 192 -0.21 -57.83 9.99
C ARG D 192 -1.01 -57.14 8.90
N THR D 193 -0.60 -55.92 8.55
CA THR D 193 -1.31 -55.14 7.54
C THR D 193 -1.23 -55.78 6.16
N MET D 194 -0.04 -56.22 5.78
CA MET D 194 0.17 -56.79 4.46
C MET D 194 -0.32 -58.23 4.37
N LYS D 195 -0.30 -58.94 5.49
CA LYS D 195 -0.80 -60.31 5.53
C LYS D 195 -2.29 -60.33 5.24
N LEU D 196 -3.03 -59.45 5.90
CA LEU D 196 -4.47 -59.33 5.68
C LEU D 196 -4.76 -58.88 4.25
N LEU D 197 -3.93 -57.97 3.74
CA LEU D 197 -4.13 -57.44 2.40
C LEU D 197 -3.93 -58.49 1.31
N VAL D 198 -2.80 -59.20 1.36
CA VAL D 198 -2.51 -60.19 0.32
C VAL D 198 -3.47 -61.37 0.39
N GLU D 199 -3.97 -61.67 1.59
CA GLU D 199 -4.95 -62.74 1.75
C GLU D 199 -6.28 -62.31 1.18
N LYS D 200 -6.60 -61.03 1.34
CA LYS D 200 -7.84 -60.48 0.81
C LYS D 200 -7.81 -60.43 -0.71
N ILE D 201 -6.70 -59.92 -1.25
CA ILE D 201 -6.54 -59.81 -2.70
C ILE D 201 -6.55 -61.19 -3.37
N ARG D 202 -5.88 -62.15 -2.76
CA ARG D 202 -5.76 -63.49 -3.34
C ARG D 202 -7.07 -64.27 -3.34
N ARG D 203 -7.92 -64.05 -2.34
CA ARG D 203 -9.14 -64.82 -2.21
C ARG D 203 -10.31 -64.21 -2.98
N GLU D 204 -10.21 -62.92 -3.29
CA GLU D 204 -11.31 -62.22 -3.95
C GLU D 204 -11.03 -61.94 -5.42
N TYR D 205 -9.78 -62.14 -5.84
CA TYR D 205 -9.41 -61.92 -7.24
C TYR D 205 -8.66 -63.11 -7.83
N ARG D 206 -7.85 -63.75 -7.01
CA ARG D 206 -6.93 -64.81 -7.44
C ARG D 206 -6.09 -64.37 -8.64
N PRO D 207 -5.10 -63.50 -8.40
CA PRO D 207 -4.19 -63.08 -9.46
C PRO D 207 -3.18 -64.17 -9.82
N ALA D 208 -2.61 -64.09 -11.02
CA ALA D 208 -1.60 -65.04 -11.47
C ALA D 208 -0.41 -65.06 -10.52
N SER D 209 -0.02 -63.88 -10.06
CA SER D 209 1.01 -63.76 -9.03
C SER D 209 0.80 -62.48 -8.24
N LEU D 210 0.97 -62.56 -6.93
CA LEU D 210 0.85 -61.40 -6.05
C LEU D 210 2.05 -61.29 -5.14
N LYS D 211 2.85 -60.24 -5.35
CA LYS D 211 4.05 -60.02 -4.55
C LYS D 211 4.05 -58.62 -3.96
N VAL D 212 4.87 -58.42 -2.93
CA VAL D 212 4.90 -57.15 -2.23
C VAL D 212 6.29 -56.51 -2.27
N CYS D 213 6.33 -55.26 -2.74
CA CYS D 213 7.55 -54.49 -2.72
C CYS D 213 7.48 -53.43 -1.62
N VAL D 214 8.37 -53.52 -0.64
CA VAL D 214 8.39 -52.55 0.45
C VAL D 214 9.68 -51.72 0.43
N LEU D 215 9.55 -50.45 0.80
CA LEU D 215 10.69 -49.55 0.92
C LEU D 215 11.54 -49.93 2.13
N VAL D 216 10.87 -50.08 3.27
CA VAL D 216 11.55 -50.43 4.52
C VAL D 216 10.94 -51.67 5.16
N ASP D 217 11.77 -52.67 5.42
CA ASP D 217 11.35 -53.84 6.17
C ASP D 217 12.00 -53.82 7.55
N LYS D 218 11.19 -54.12 8.58
CA LYS D 218 11.71 -54.27 9.93
C LYS D 218 11.40 -55.67 10.43
N PRO D 219 12.15 -56.67 9.95
CA PRO D 219 11.88 -58.10 10.19
C PRO D 219 11.94 -58.50 11.65
N GLY D 220 12.64 -57.71 12.47
CA GLY D 220 12.76 -58.01 13.89
C GLY D 220 11.45 -57.83 14.63
N GLY D 221 10.49 -57.14 14.01
CA GLY D 221 9.21 -56.88 14.63
C GLY D 221 8.09 -57.77 14.13
N ARG D 222 8.44 -58.85 13.44
CA ARG D 222 7.45 -59.78 12.92
C ARG D 222 6.73 -60.55 14.02
N VAL D 223 5.42 -60.68 13.88
CA VAL D 223 4.62 -61.47 14.80
C VAL D 223 3.76 -62.47 14.03
N VAL D 224 3.54 -62.18 12.75
CA VAL D 224 2.81 -63.09 11.87
C VAL D 224 3.71 -63.53 10.72
N ASP D 225 3.24 -64.51 9.95
CA ASP D 225 4.02 -65.03 8.83
C ASP D 225 3.80 -64.21 7.56
N PHE D 226 4.49 -63.09 7.47
CA PHE D 226 4.53 -62.31 6.24
C PHE D 226 5.97 -62.04 5.84
N LYS D 227 6.28 -62.30 4.56
CA LYS D 227 7.63 -62.12 4.06
C LYS D 227 7.58 -61.44 2.69
N PRO D 228 7.89 -60.13 2.65
CA PRO D 228 7.85 -59.37 1.39
C PRO D 228 8.91 -59.86 0.41
N GLU D 229 8.50 -60.06 -0.85
CA GLU D 229 9.39 -60.58 -1.87
C GLU D 229 10.48 -59.58 -2.24
N PHE D 230 10.12 -58.30 -2.25
CA PHE D 230 11.05 -57.26 -2.67
C PHE D 230 11.23 -56.20 -1.58
N VAL D 231 12.45 -56.08 -1.08
CA VAL D 231 12.75 -55.14 -0.02
C VAL D 231 13.91 -54.22 -0.39
N CYS D 232 13.64 -52.92 -0.39
CA CYS D 232 14.67 -51.94 -0.68
C CYS D 232 15.63 -51.79 0.49
N LEU D 233 15.08 -51.35 1.63
CA LEU D 233 15.89 -51.10 2.82
C LEU D 233 15.45 -51.96 4.00
N THR D 234 16.42 -52.34 4.84
CA THR D 234 16.13 -53.11 6.05
C THR D 234 16.55 -52.30 7.28
N ALA D 235 15.62 -52.14 8.21
CA ALA D 235 15.86 -51.31 9.39
C ALA D 235 15.56 -52.09 10.67
N PRO D 236 16.17 -51.67 11.80
CA PRO D 236 15.87 -52.29 13.09
C PRO D 236 14.50 -51.88 13.61
N THR D 237 14.05 -52.50 14.70
CA THR D 237 12.74 -52.22 15.27
C THR D 237 12.69 -50.85 15.95
N ARG D 238 12.83 -49.80 15.14
CA ARG D 238 12.74 -48.43 15.63
C ARG D 238 11.78 -47.64 14.76
N TYR D 239 11.17 -46.60 15.34
CA TYR D 239 10.27 -45.75 14.59
C TYR D 239 11.06 -44.79 13.70
N VAL D 240 10.74 -44.79 12.41
CA VAL D 240 11.46 -43.96 11.46
C VAL D 240 10.59 -42.86 10.84
N VAL D 241 11.22 -41.74 10.52
CA VAL D 241 10.53 -40.62 9.89
C VAL D 241 11.28 -40.14 8.66
N GLY D 242 10.63 -39.37 7.81
CA GLY D 242 11.25 -38.90 6.59
C GLY D 242 10.93 -39.78 5.41
N TYR D 243 10.89 -39.17 4.22
CA TYR D 243 10.60 -39.85 2.96
C TYR D 243 9.42 -40.81 3.07
N GLY D 244 8.22 -40.24 3.18
CA GLY D 244 7.01 -41.05 3.26
C GLY D 244 6.58 -41.34 4.69
N PHE D 245 7.55 -41.51 5.58
CA PHE D 245 7.28 -41.83 6.97
C PHE D 245 7.10 -40.56 7.80
N GLU D 246 6.06 -40.54 8.63
CA GLU D 246 5.70 -39.32 9.33
C GLU D 246 5.32 -39.51 10.80
N VAL D 247 5.20 -38.39 11.51
CA VAL D 247 4.61 -38.35 12.83
C VAL D 247 3.51 -37.30 12.81
N ASN D 248 2.26 -37.77 12.78
CA ASN D 248 1.11 -36.91 12.55
C ASN D 248 1.32 -36.06 11.30
N ASP D 249 1.73 -36.73 10.23
CA ASP D 249 1.96 -36.12 8.90
C ASP D 249 3.15 -35.16 8.84
N ARG D 250 3.88 -35.02 9.95
CA ARG D 250 5.10 -34.23 9.97
C ARG D 250 6.29 -35.03 9.45
N TYR D 251 7.26 -34.32 8.86
CA TYR D 251 8.52 -34.89 8.38
C TYR D 251 8.36 -35.81 7.16
N ARG D 252 7.15 -35.88 6.62
CA ARG D 252 6.87 -36.80 5.51
C ARG D 252 7.66 -36.45 4.25
N ASN D 253 7.85 -35.16 4.00
CA ASN D 253 8.47 -34.69 2.77
C ASN D 253 10.00 -34.58 2.85
N TYR D 254 10.59 -35.05 3.94
CA TYR D 254 12.04 -35.06 4.05
C TYR D 254 12.62 -36.07 3.06
N ARG D 255 13.85 -35.82 2.61
CA ARG D 255 14.45 -36.62 1.55
C ARG D 255 15.22 -37.81 2.08
N HIS D 256 15.38 -37.88 3.39
CA HIS D 256 16.12 -38.96 4.02
C HIS D 256 15.28 -39.60 5.12
N VAL D 257 15.62 -40.84 5.47
CA VAL D 257 14.94 -41.53 6.55
C VAL D 257 15.76 -41.45 7.83
N PHE D 258 15.15 -40.98 8.90
CA PHE D 258 15.83 -40.82 10.17
C PHE D 258 15.19 -41.71 11.24
N VAL D 259 15.98 -42.10 12.24
CA VAL D 259 15.42 -42.69 13.44
C VAL D 259 14.93 -41.57 14.35
N LEU D 260 13.64 -41.57 14.65
CA LEU D 260 13.05 -40.49 15.44
C LEU D 260 13.43 -40.57 16.91
N LYS D 261 13.82 -39.44 17.49
CA LYS D 261 14.00 -39.34 18.93
C LYS D 261 12.65 -39.60 19.60
N PRO D 262 12.63 -40.49 20.60
CA PRO D 262 11.40 -40.84 21.31
C PRO D 262 10.74 -39.62 21.95
N GLU D 263 11.54 -38.64 22.34
CA GLU D 263 11.04 -37.44 23.00
C GLU D 263 10.45 -36.44 22.00
N TYR D 264 10.45 -36.81 20.73
CA TYR D 264 9.85 -35.98 19.69
C TYR D 264 8.56 -36.60 19.17
N ALA D 265 8.25 -37.80 19.63
CA ALA D 265 7.11 -38.57 19.15
C ALA D 265 5.79 -37.83 19.35
N LYS D 266 5.62 -37.19 20.50
CA LYS D 266 4.34 -36.55 20.81
C LYS D 266 4.48 -35.02 20.80
N ARG D 267 5.27 -34.52 19.85
CA ARG D 267 5.53 -33.09 19.74
C ARG D 267 4.33 -32.35 19.14
N TYR D 268 3.62 -33.02 18.25
CA TYR D 268 2.47 -32.43 17.59
C TYR D 268 1.24 -33.32 17.70
N PRO D 269 0.66 -33.41 18.92
CA PRO D 269 -0.45 -34.33 19.18
C PRO D 269 -1.82 -33.79 18.77
N SER D 270 -1.88 -32.52 18.37
CA SER D 270 -3.13 -31.91 17.94
C SER D 270 -3.60 -32.51 16.62
N LYS D 271 -4.85 -32.95 16.57
CA LYS D 271 -5.40 -33.59 15.38
C LYS D 271 -5.45 -32.63 14.21
N LEU D 272 -5.13 -33.15 13.02
CA LEU D 272 -5.19 -32.34 11.80
C LEU D 272 -6.58 -32.36 11.20
N LYS E 46 -6.15 4.57 4.07
CA LYS E 46 -5.03 5.40 3.62
C LYS E 46 -4.89 6.74 4.36
N PRO E 47 -6.00 7.51 4.53
CA PRO E 47 -5.81 8.82 5.17
C PRO E 47 -5.28 8.73 6.59
N ASN E 48 -4.43 9.68 6.97
CA ASN E 48 -3.75 9.64 8.26
C ASN E 48 -4.39 10.56 9.29
N VAL E 49 -4.47 10.09 10.53
CA VAL E 49 -5.06 10.85 11.61
C VAL E 49 -4.03 11.71 12.33
N VAL E 50 -4.17 13.03 12.21
CA VAL E 50 -3.27 13.95 12.89
C VAL E 50 -3.93 14.53 14.14
N GLY E 51 -3.23 14.44 15.27
CA GLY E 51 -3.76 14.98 16.51
C GLY E 51 -2.68 15.47 17.46
N ARG E 52 -3.00 15.46 18.74
CA ARG E 52 -2.07 15.86 19.79
C ARG E 52 -2.20 14.89 20.96
N ASP E 53 -1.07 14.56 21.60
CA ASP E 53 -1.11 13.67 22.75
C ASP E 53 -1.31 14.46 24.04
N ALA E 54 -1.07 13.82 25.17
CA ALA E 54 -1.28 14.44 26.47
C ALA E 54 -0.28 15.57 26.73
N ASP E 55 0.83 15.56 26.01
CA ASP E 55 1.89 16.55 26.22
C ASP E 55 1.93 17.64 25.15
N GLY E 56 0.93 17.63 24.27
CA GLY E 56 0.83 18.65 23.24
C GLY E 56 1.75 18.39 22.06
N ASN E 57 2.35 17.20 22.04
CA ASN E 57 3.22 16.81 20.95
C ASN E 57 2.42 16.40 19.72
N VAL E 58 2.96 16.68 18.54
CA VAL E 58 2.30 16.30 17.29
C VAL E 58 2.25 14.79 17.17
N THR E 59 1.06 14.26 16.92
CA THR E 59 0.88 12.83 16.72
C THR E 59 0.28 12.56 15.34
N VAL E 60 0.78 11.50 14.69
CA VAL E 60 0.19 11.04 13.44
C VAL E 60 -0.08 9.54 13.55
N ASP E 61 -1.35 9.17 13.43
CA ASP E 61 -1.79 7.78 13.58
C ASP E 61 -1.37 7.21 14.93
N GLY E 62 -1.56 8.00 15.99
CA GLY E 62 -1.29 7.56 17.34
C GLY E 62 0.16 7.73 17.77
N ARG E 63 1.06 7.75 16.80
CA ARG E 63 2.49 7.85 17.09
C ARG E 63 2.90 9.32 17.27
N SER E 64 3.56 9.61 18.38
CA SER E 64 3.96 10.97 18.70
C SER E 64 5.29 11.35 18.05
N TYR E 65 5.40 12.61 17.65
CA TYR E 65 6.62 13.14 17.05
C TYR E 65 7.08 14.39 17.79
N PRO E 66 7.86 14.20 18.87
CA PRO E 66 8.29 15.28 19.78
C PRO E 66 9.10 16.38 19.11
N MET E 67 9.67 16.11 17.93
CA MET E 67 10.51 17.09 17.26
CA MET E 67 10.50 17.08 17.25
C MET E 67 9.69 17.96 16.30
N ALA E 68 8.44 17.57 16.09
CA ALA E 68 7.59 18.27 15.12
C ALA E 68 6.85 19.46 15.72
N GLU E 69 6.92 20.58 15.01
CA GLU E 69 6.13 21.75 15.36
C GLU E 69 4.71 21.58 14.82
N SER E 70 4.61 21.10 13.58
CA SER E 70 3.33 20.83 12.94
C SER E 70 3.53 19.94 11.71
N VAL E 71 2.42 19.39 11.19
CA VAL E 71 2.49 18.52 10.02
C VAL E 71 2.33 19.32 8.73
N VAL E 72 3.31 19.21 7.84
CA VAL E 72 3.24 19.82 6.52
C VAL E 72 2.32 19.01 5.62
N ALA E 73 2.57 17.70 5.56
CA ALA E 73 1.76 16.80 4.76
C ALA E 73 1.95 15.35 5.21
N THR E 74 0.86 14.64 5.42
CA THR E 74 0.94 13.24 5.81
C THR E 74 1.32 12.36 4.63
N GLU E 75 1.59 11.09 4.91
CA GLU E 75 1.99 10.13 3.88
C GLU E 75 0.96 10.03 2.76
N SER E 76 -0.32 9.99 3.15
CA SER E 76 -1.40 9.84 2.19
CA SER E 76 -1.41 9.85 2.19
C SER E 76 -1.46 11.02 1.22
N THR E 77 -1.29 12.23 1.76
CA THR E 77 -1.27 13.43 0.93
C THR E 77 -0.08 13.41 -0.01
N ILE E 78 1.11 13.14 0.56
CA ILE E 78 2.34 13.07 -0.22
C ILE E 78 2.20 12.08 -1.37
N HIS E 79 1.69 10.90 -1.08
CA HIS E 79 1.57 9.86 -2.10
C HIS E 79 0.51 10.20 -3.13
N ARG E 80 -0.54 10.88 -2.70
CA ARG E 80 -1.58 11.32 -3.62
C ARG E 80 -1.00 12.30 -4.63
N SER E 81 -0.24 13.25 -4.11
CA SER E 81 0.44 14.23 -4.95
C SER E 81 1.37 13.57 -5.96
N MET E 82 2.19 12.65 -5.48
CA MET E 82 3.18 11.98 -6.33
CA MET E 82 3.18 11.98 -6.33
C MET E 82 2.53 11.14 -7.43
N LYS E 83 1.39 10.53 -7.12
CA LYS E 83 0.68 9.75 -8.13
C LYS E 83 0.17 10.66 -9.24
N GLU E 84 -0.34 11.82 -8.85
CA GLU E 84 -0.80 12.81 -9.82
C GLU E 84 0.37 13.40 -10.59
N MET E 85 1.48 13.62 -9.90
CA MET E 85 2.69 14.11 -10.55
C MET E 85 3.22 13.10 -11.56
N ALA E 86 3.14 11.82 -11.22
CA ALA E 86 3.56 10.75 -12.11
C ALA E 86 2.77 10.79 -13.40
N GLN E 87 1.47 11.07 -13.28
CA GLN E 87 0.61 11.19 -14.44
C GLN E 87 0.97 12.43 -15.25
N THR E 88 1.30 13.51 -14.54
CA THR E 88 1.71 14.75 -15.20
C THR E 88 3.00 14.55 -15.99
N LEU E 89 3.98 13.92 -15.35
CA LEU E 89 5.25 13.61 -16.02
C LEU E 89 5.02 12.70 -17.22
N ALA E 90 4.18 11.69 -17.04
CA ALA E 90 3.90 10.72 -18.09
C ALA E 90 3.36 11.41 -19.33
N ASN E 91 2.33 12.22 -19.15
CA ASN E 91 1.70 12.93 -20.25
C ASN E 91 2.62 13.95 -20.91
N ALA E 92 3.71 14.29 -20.24
CA ALA E 92 4.65 15.30 -20.74
C ALA E 92 5.81 14.69 -21.52
N TYR E 93 6.07 13.40 -21.31
CA TYR E 93 7.21 12.74 -21.93
C TYR E 93 6.82 11.58 -22.85
N LYS E 94 5.56 11.17 -22.77
CA LYS E 94 5.08 9.96 -23.45
C LYS E 94 5.28 10.03 -24.97
N THR E 95 4.88 11.15 -25.56
CA THR E 95 4.96 11.31 -27.01
C THR E 95 6.29 11.92 -27.46
N LEU E 96 7.12 12.30 -26.49
CA LEU E 96 8.40 12.94 -26.78
C LEU E 96 9.37 11.97 -27.45
N LYS E 97 10.29 12.53 -28.24
CA LYS E 97 11.28 11.73 -28.96
C LYS E 97 12.67 12.33 -28.79
N HIS E 98 13.68 11.47 -28.75
CA HIS E 98 15.05 11.92 -28.57
C HIS E 98 16.06 10.99 -29.26
N ARG E 99 17.34 11.18 -28.96
CA ARG E 99 18.41 10.46 -29.66
C ARG E 99 18.39 8.96 -29.39
N ASP E 100 18.46 8.17 -30.46
CA ASP E 100 18.51 6.72 -30.35
C ASP E 100 19.93 6.24 -30.12
N THR E 101 20.21 5.76 -28.92
CA THR E 101 21.53 5.20 -28.61
C THR E 101 21.47 3.69 -28.51
N HIS E 102 20.25 3.14 -28.47
CA HIS E 102 20.06 1.70 -28.50
C HIS E 102 20.52 1.16 -29.85
N ASN E 103 20.08 1.82 -30.91
CA ASN E 103 20.52 1.51 -32.27
C ASN E 103 21.15 2.75 -32.90
N LYS E 104 22.47 2.85 -32.79
CA LYS E 104 23.19 4.00 -33.33
C LYS E 104 23.15 4.04 -34.86
N GLY E 105 22.72 2.93 -35.46
CA GLY E 105 22.56 2.87 -36.90
C GLY E 105 21.43 3.74 -37.39
N ASN E 106 20.45 3.94 -36.51
CA ASN E 106 19.30 4.80 -36.83
C ASN E 106 19.61 6.27 -36.58
N SER E 107 19.40 7.09 -37.60
CA SER E 107 19.70 8.52 -37.51
C SER E 107 18.49 9.33 -37.06
N ALA E 108 17.30 8.81 -37.32
CA ALA E 108 16.06 9.47 -36.93
C ALA E 108 15.87 9.42 -35.42
N LEU E 109 15.12 10.37 -34.88
CA LEU E 109 14.82 10.40 -33.45
C LEU E 109 13.99 9.19 -33.05
N ALA E 110 14.13 8.77 -31.80
CA ALA E 110 13.41 7.61 -31.29
C ALA E 110 12.53 7.99 -30.11
N PRO E 111 11.35 7.37 -30.02
CA PRO E 111 10.42 7.62 -28.91
C PRO E 111 10.98 7.09 -27.59
N ILE E 112 10.40 7.53 -26.47
CA ILE E 112 10.83 7.04 -25.17
C ILE E 112 10.30 5.63 -24.95
N THR E 113 11.20 4.66 -24.98
CA THR E 113 10.89 3.26 -24.81
C THR E 113 11.87 2.62 -23.83
N ASP E 114 11.80 1.30 -23.68
CA ASP E 114 12.79 0.60 -22.86
C ASP E 114 14.16 0.63 -23.55
N GLU E 115 14.15 0.85 -24.87
CA GLU E 115 15.38 0.97 -25.64
C GLU E 115 16.05 2.31 -25.41
N ASN E 116 15.26 3.38 -25.46
CA ASN E 116 15.72 4.73 -25.15
C ASN E 116 14.85 5.37 -24.09
N PRO E 117 15.12 5.05 -22.82
CA PRO E 117 14.30 5.51 -21.68
C PRO E 117 14.52 6.98 -21.32
N LEU E 118 13.58 7.54 -20.57
CA LEU E 118 13.75 8.85 -19.98
C LEU E 118 14.90 8.80 -18.98
N ILE E 119 15.86 9.71 -19.12
CA ILE E 119 17.00 9.73 -18.21
C ILE E 119 16.67 10.50 -16.96
N ILE E 120 16.65 9.81 -15.83
CA ILE E 120 16.35 10.45 -14.55
C ILE E 120 17.61 10.57 -13.70
N ILE E 121 17.90 11.80 -13.26
CA ILE E 121 19.02 12.05 -12.39
C ILE E 121 18.51 12.35 -10.98
N SER E 122 18.93 11.53 -10.02
CA SER E 122 18.51 11.69 -8.64
C SER E 122 19.67 12.18 -7.78
N VAL E 123 19.37 13.04 -6.81
CA VAL E 123 20.42 13.62 -5.99
C VAL E 123 20.46 13.02 -4.59
N LEU E 124 21.55 12.31 -4.30
CA LEU E 124 21.78 11.76 -2.98
C LEU E 124 22.10 12.88 -1.99
N LYS E 125 21.69 12.73 -0.73
CA LYS E 125 21.00 11.53 -0.28
C LYS E 125 19.51 11.77 -0.08
N GLY E 126 19.16 13.02 0.20
CA GLY E 126 17.80 13.36 0.59
C GLY E 126 16.68 13.03 -0.38
N SER E 127 17.04 12.61 -1.60
CA SER E 127 16.04 12.41 -2.63
C SER E 127 15.82 10.94 -3.02
N TYR E 128 16.50 10.02 -2.34
CA TYR E 128 16.46 8.62 -2.76
C TYR E 128 15.14 7.94 -2.42
N ILE E 129 14.53 8.32 -1.30
CA ILE E 129 13.24 7.75 -0.92
C ILE E 129 12.16 8.27 -1.84
N PHE E 130 12.21 9.56 -2.11
CA PHE E 130 11.31 10.22 -3.05
C PHE E 130 11.42 9.62 -4.45
N THR E 131 12.65 9.44 -4.91
CA THR E 131 12.91 8.84 -6.22
C THR E 131 12.40 7.39 -6.27
N ALA E 132 12.61 6.67 -5.17
CA ALA E 132 12.19 5.27 -5.08
C ALA E 132 10.70 5.11 -5.33
N ASP E 133 9.90 5.91 -4.61
CA ASP E 133 8.45 5.87 -4.78
C ASP E 133 8.05 6.36 -6.17
N MET E 134 8.71 7.43 -6.62
CA MET E 134 8.31 8.11 -7.83
C MET E 134 8.46 7.27 -9.09
N VAL E 135 9.59 6.59 -9.22
CA VAL E 135 9.84 5.78 -10.40
C VAL E 135 8.84 4.65 -10.52
N ARG E 136 8.33 4.18 -9.38
CA ARG E 136 7.34 3.11 -9.37
C ARG E 136 5.98 3.62 -9.83
N TYR E 137 5.62 4.83 -9.41
CA TYR E 137 4.42 5.48 -9.90
C TYR E 137 4.55 5.77 -11.39
N LEU E 138 5.77 6.07 -11.83
CA LEU E 138 6.05 6.27 -13.24
C LEU E 138 5.86 4.97 -14.01
N GLY E 139 6.22 3.86 -13.37
CA GLY E 139 6.02 2.55 -13.94
C GLY E 139 4.56 2.25 -14.14
N ASP E 140 3.75 2.68 -13.16
CA ASP E 140 2.30 2.51 -13.25
C ASP E 140 1.73 3.28 -14.44
N CYS E 141 2.28 4.46 -14.69
CA CYS E 141 1.81 5.32 -15.78
C CYS E 141 2.44 4.93 -17.12
N GLY E 142 3.26 3.90 -17.12
CA GLY E 142 3.83 3.35 -18.34
C GLY E 142 4.92 4.19 -18.98
N LEU E 143 5.71 4.87 -18.16
CA LEU E 143 6.81 5.69 -18.68
C LEU E 143 8.16 5.03 -18.39
N PRO E 144 8.81 4.52 -19.45
CA PRO E 144 10.14 3.91 -19.34
C PRO E 144 11.17 4.91 -18.86
N ASN E 145 11.99 4.52 -17.88
CA ASN E 145 12.97 5.41 -17.30
C ASN E 145 14.11 4.68 -16.62
N VAL E 146 15.26 5.36 -16.54
CA VAL E 146 16.41 4.83 -15.82
C VAL E 146 16.94 5.91 -14.88
N VAL E 147 17.51 5.49 -13.75
CA VAL E 147 17.95 6.44 -12.73
C VAL E 147 19.44 6.31 -12.41
N ASP E 148 20.14 7.44 -12.47
CA ASP E 148 21.50 7.53 -11.98
C ASP E 148 21.57 8.55 -10.84
N PHE E 149 22.49 8.33 -9.90
CA PHE E 149 22.58 9.19 -8.73
C PHE E 149 23.82 10.08 -8.77
N ILE E 150 23.65 11.31 -8.30
CA ILE E 150 24.77 12.23 -8.13
C ILE E 150 24.71 12.82 -6.73
N ARG E 151 25.84 12.78 -6.02
CA ARG E 151 25.88 13.31 -4.66
C ARG E 151 26.47 14.72 -4.65
N ILE E 152 25.71 15.67 -4.11
CA ILE E 152 26.20 17.04 -3.96
C ILE E 152 25.84 17.61 -2.60
N THR E 153 26.78 18.33 -2.00
CA THR E 153 26.56 18.97 -0.71
C THR E 153 27.55 20.12 -0.49
N ASN E 170 29.46 13.00 -10.03
CA ASN E 170 29.23 11.66 -9.51
C ASN E 170 28.50 10.77 -10.52
N LEU E 171 27.94 11.39 -11.55
CA LEU E 171 27.20 10.65 -12.59
C LEU E 171 28.07 9.64 -13.30
N ARG E 172 27.57 8.41 -13.43
CA ARG E 172 28.28 7.39 -14.17
C ARG E 172 27.72 7.24 -15.58
N PHE E 173 26.56 7.82 -15.83
CA PHE E 173 26.01 7.87 -17.17
C PHE E 173 26.84 8.83 -18.01
N THR E 174 27.01 8.50 -19.29
CA THR E 174 27.86 9.30 -20.16
C THR E 174 27.14 9.74 -21.43
N GLU E 175 26.04 9.07 -21.75
CA GLU E 175 25.30 9.35 -22.98
C GLU E 175 23.99 10.07 -22.71
N LEU E 176 24.09 11.35 -22.34
CA LEU E 176 22.91 12.18 -22.10
C LEU E 176 22.66 13.14 -23.24
N THR E 177 23.61 13.19 -24.18
CA THR E 177 23.50 14.09 -25.32
C THR E 177 22.25 13.81 -26.15
N GLY E 178 21.46 14.84 -26.38
CA GLY E 178 20.25 14.73 -27.18
C GLY E 178 19.16 13.90 -26.52
N LYS E 179 19.32 13.66 -25.21
CA LYS E 179 18.35 12.89 -24.45
C LYS E 179 17.47 13.81 -23.61
N HIS E 180 16.24 13.38 -23.37
CA HIS E 180 15.37 14.07 -22.42
C HIS E 180 15.76 13.66 -21.00
N VAL E 181 16.20 14.64 -20.21
CA VAL E 181 16.67 14.35 -18.87
C VAL E 181 15.79 15.03 -17.82
N LEU E 182 15.46 14.30 -16.76
CA LEU E 182 14.66 14.84 -15.68
C LEU E 182 15.39 14.68 -14.35
N ILE E 183 15.49 15.78 -13.61
CA ILE E 183 16.17 15.76 -12.31
C ILE E 183 15.17 15.62 -11.19
N MET E 184 15.42 14.66 -10.29
CA MET E 184 14.56 14.47 -9.12
C MET E 184 15.26 14.95 -7.87
N GLU E 185 14.72 16.00 -7.28
CA GLU E 185 15.30 16.64 -6.11
C GLU E 185 14.27 16.71 -4.99
N ASP E 186 14.71 16.55 -3.74
CA ASP E 186 13.78 16.56 -2.62
C ASP E 186 13.18 17.94 -2.37
N ILE E 187 13.98 18.99 -2.48
CA ILE E 187 13.51 20.32 -2.14
C ILE E 187 14.21 21.43 -2.90
N ALA E 188 13.45 22.46 -3.24
CA ALA E 188 14.00 23.68 -3.83
C ALA E 188 13.68 24.85 -2.93
N ASP E 189 14.71 25.45 -2.34
CA ASP E 189 14.54 26.58 -1.44
C ASP E 189 15.09 27.84 -2.09
N THR E 190 16.35 28.15 -1.80
CA THR E 190 17.02 29.31 -2.38
C THR E 190 17.15 29.16 -3.89
N GLY E 191 17.34 27.93 -4.34
CA GLY E 191 17.45 27.64 -5.76
C GLY E 191 18.89 27.48 -6.22
N ARG E 192 19.84 27.77 -5.34
CA ARG E 192 21.26 27.73 -5.69
C ARG E 192 21.73 26.33 -6.07
N THR E 193 21.27 25.33 -5.33
CA THR E 193 21.70 23.95 -5.55
C THR E 193 21.27 23.46 -6.93
N MET E 194 20.03 23.75 -7.30
CA MET E 194 19.50 23.27 -8.57
C MET E 194 19.95 24.11 -9.77
N LYS E 195 20.10 25.42 -9.55
CA LYS E 195 20.55 26.31 -10.61
C LYS E 195 21.97 25.94 -11.06
N LEU E 196 22.80 25.54 -10.10
CA LEU E 196 24.16 25.12 -10.39
C LEU E 196 24.18 23.75 -11.07
N LEU E 197 23.31 22.86 -10.62
CA LEU E 197 23.26 21.51 -11.18
C LEU E 197 22.76 21.52 -12.61
N VAL E 198 21.74 22.34 -12.88
CA VAL E 198 21.17 22.45 -14.21
C VAL E 198 22.20 22.99 -15.22
N GLU E 199 22.91 24.04 -14.83
CA GLU E 199 23.91 24.64 -15.69
C GLU E 199 25.08 23.71 -15.98
N LYS E 200 25.46 22.91 -14.98
CA LYS E 200 26.56 21.97 -15.13
C LYS E 200 26.23 20.88 -16.16
N ILE E 201 25.03 20.33 -16.05
CA ILE E 201 24.59 19.28 -16.96
C ILE E 201 24.41 19.78 -18.38
N ARG E 202 23.83 20.98 -18.51
CA ARG E 202 23.48 21.52 -19.81
C ARG E 202 24.71 21.84 -20.68
N ARG E 203 25.86 22.03 -20.03
CA ARG E 203 27.09 22.34 -20.77
C ARG E 203 28.03 21.14 -20.86
N GLU E 204 27.87 20.20 -19.93
CA GLU E 204 28.77 19.05 -19.89
C GLU E 204 28.10 17.76 -20.36
N TYR E 205 26.87 17.88 -20.86
CA TYR E 205 26.16 16.71 -21.40
C TYR E 205 25.30 17.10 -22.61
N ARG E 206 24.88 18.35 -22.65
CA ARG E 206 24.08 18.90 -23.76
C ARG E 206 22.83 18.07 -24.09
N PRO E 207 21.86 18.01 -23.16
CA PRO E 207 20.66 17.19 -23.38
C PRO E 207 19.63 17.86 -24.29
N ALA E 208 18.70 17.07 -24.82
CA ALA E 208 17.63 17.59 -25.65
C ALA E 208 16.71 18.46 -24.83
N SER E 209 16.42 18.03 -23.60
CA SER E 209 15.65 18.81 -22.65
C SER E 209 16.15 18.53 -21.25
N LEU E 210 15.98 19.48 -20.35
CA LEU E 210 16.41 19.31 -18.97
C LEU E 210 15.44 20.01 -18.02
N LYS E 211 14.53 19.23 -17.44
CA LYS E 211 13.55 19.76 -16.51
C LYS E 211 13.80 19.21 -15.11
N VAL E 212 13.28 19.91 -14.11
CA VAL E 212 13.47 19.50 -12.73
C VAL E 212 12.13 19.17 -12.06
N CYS E 213 12.08 18.03 -11.39
CA CYS E 213 10.92 17.67 -10.59
C CYS E 213 11.30 17.65 -9.13
N VAL E 214 10.55 18.37 -8.30
CA VAL E 214 10.83 18.42 -6.88
C VAL E 214 9.66 17.91 -6.06
N LEU E 215 9.95 17.43 -4.86
CA LEU E 215 8.92 16.99 -3.95
C LEU E 215 8.35 18.18 -3.19
N VAL E 216 9.25 19.02 -2.67
CA VAL E 216 8.84 20.20 -1.92
C VAL E 216 9.43 21.46 -2.52
N ASP E 217 8.57 22.42 -2.85
CA ASP E 217 9.03 23.73 -3.29
C ASP E 217 8.74 24.77 -2.23
N LYS E 218 9.73 25.62 -1.97
CA LYS E 218 9.55 26.75 -1.07
C LYS E 218 9.87 28.03 -1.83
N PRO E 219 8.91 28.51 -2.63
CA PRO E 219 9.10 29.65 -3.53
C PRO E 219 9.37 30.96 -2.80
N GLY E 220 9.03 31.02 -1.52
CA GLY E 220 9.31 32.21 -0.73
C GLY E 220 10.78 32.30 -0.36
N GLY E 221 11.55 31.29 -0.75
CA GLY E 221 12.97 31.25 -0.44
C GLY E 221 13.85 31.56 -1.64
N ARG E 222 13.23 31.69 -2.81
CA ARG E 222 13.96 31.98 -4.05
C ARG E 222 14.84 33.21 -3.95
N VAL E 223 16.13 33.03 -4.18
CA VAL E 223 17.07 34.14 -4.20
C VAL E 223 17.85 34.15 -5.51
N VAL E 224 17.63 33.12 -6.33
CA VAL E 224 18.25 33.05 -7.65
C VAL E 224 17.18 32.81 -8.72
N ASP E 225 17.62 32.80 -9.98
CA ASP E 225 16.71 32.59 -11.10
C ASP E 225 16.51 31.10 -11.39
N PHE E 226 15.56 30.48 -10.68
CA PHE E 226 15.26 29.07 -10.90
C PHE E 226 13.82 28.72 -10.53
N LYS E 227 13.12 28.11 -11.48
CA LYS E 227 11.75 27.64 -11.23
CA LYS E 227 11.75 27.64 -11.24
C LYS E 227 11.60 26.21 -11.75
N PRO E 228 11.36 25.26 -10.83
CA PRO E 228 11.19 23.85 -11.21
C PRO E 228 9.90 23.63 -12.00
N GLU E 229 10.00 22.94 -13.14
CA GLU E 229 8.86 22.68 -14.01
C GLU E 229 7.77 21.86 -13.29
N PHE E 230 8.20 20.94 -12.43
CA PHE E 230 7.27 20.06 -11.74
C PHE E 230 7.40 20.16 -10.22
N VAL E 231 6.28 20.39 -9.55
CA VAL E 231 6.27 20.52 -8.09
C VAL E 231 5.15 19.70 -7.44
N CYS E 232 5.53 18.79 -6.57
CA CYS E 232 4.55 17.98 -5.84
C CYS E 232 3.86 18.78 -4.74
N LEU E 233 4.65 19.32 -3.82
CA LEU E 233 4.12 20.02 -2.66
C LEU E 233 4.76 21.40 -2.49
N THR E 234 3.95 22.38 -2.14
CA THR E 234 4.44 23.72 -1.85
C THR E 234 4.36 23.99 -0.34
N ALA E 235 5.46 24.46 0.23
CA ALA E 235 5.55 24.67 1.67
C ALA E 235 6.00 26.10 1.99
N PRO E 236 5.74 26.56 3.22
CA PRO E 236 6.27 27.86 3.66
C PRO E 236 7.78 27.81 3.86
N THR E 237 8.39 28.97 4.11
CA THR E 237 9.83 29.05 4.33
C THR E 237 10.23 28.59 5.73
N ARG E 238 9.85 27.37 6.09
CA ARG E 238 10.27 26.77 7.34
C ARG E 238 11.15 25.56 7.06
N TYR E 239 11.93 25.14 8.05
CA TYR E 239 12.75 23.93 7.92
C TYR E 239 11.89 22.71 8.20
N VAL E 240 11.86 21.78 7.24
CA VAL E 240 11.04 20.59 7.36
C VAL E 240 11.89 19.32 7.55
N VAL E 241 11.31 18.32 8.20
CA VAL E 241 11.95 17.03 8.36
C VAL E 241 10.97 15.92 8.03
N GLY E 242 11.48 14.72 7.76
CA GLY E 242 10.63 13.59 7.43
C GLY E 242 10.63 13.28 5.94
N TYR E 243 10.42 12.00 5.62
CA TYR E 243 10.34 11.53 4.23
C TYR E 243 11.45 12.08 3.34
N GLY E 244 12.70 11.81 3.72
CA GLY E 244 13.83 12.28 2.93
C GLY E 244 14.54 13.47 3.55
N PHE E 245 13.78 14.38 4.13
CA PHE E 245 14.35 15.55 4.80
C PHE E 245 14.79 15.17 6.20
N GLU E 246 15.80 15.85 6.71
CA GLU E 246 16.45 15.43 7.94
C GLU E 246 17.19 16.54 8.66
N VAL E 247 17.67 16.22 9.85
CA VAL E 247 18.64 17.04 10.55
C VAL E 247 19.78 16.13 10.99
N ASN E 248 20.93 16.27 10.32
CA ASN E 248 22.06 15.37 10.50
C ASN E 248 21.63 13.90 10.36
N ASP E 249 20.91 13.63 9.27
CA ASP E 249 20.44 12.29 8.87
C ASP E 249 19.35 11.69 9.77
N ARG E 250 18.92 12.43 10.78
CA ARG E 250 17.82 11.97 11.62
C ARG E 250 16.46 12.26 11.00
N TYR E 251 15.47 11.43 11.33
CA TYR E 251 14.08 11.62 10.94
C TYR E 251 13.85 11.44 9.44
N ARG E 252 14.87 10.99 8.72
CA ARG E 252 14.78 10.85 7.27
C ARG E 252 13.80 9.76 6.85
N ASN E 253 13.64 8.76 7.71
CA ASN E 253 12.80 7.60 7.41
C ASN E 253 11.34 7.75 7.83
N TYR E 254 10.98 8.92 8.38
CA TYR E 254 9.61 9.17 8.77
C TYR E 254 8.71 9.29 7.54
N ARG E 255 7.49 8.78 7.63
CA ARG E 255 6.60 8.71 6.48
C ARG E 255 5.90 10.03 6.16
N HIS E 256 6.04 11.01 7.05
CA HIS E 256 5.37 12.29 6.88
C HIS E 256 6.38 13.43 6.92
N VAL E 257 5.97 14.60 6.42
CA VAL E 257 6.81 15.79 6.49
C VAL E 257 6.32 16.72 7.60
N PHE E 258 7.22 17.05 8.51
CA PHE E 258 6.89 17.90 9.65
C PHE E 258 7.69 19.20 9.61
N VAL E 259 7.10 20.28 10.10
CA VAL E 259 7.87 21.47 10.42
C VAL E 259 8.64 21.18 11.69
N LEU E 260 9.96 21.38 11.64
CA LEU E 260 10.81 21.08 12.78
C LEU E 260 10.71 22.18 13.83
N LYS E 261 10.69 21.79 15.09
CA LYS E 261 10.83 22.74 16.18
C LYS E 261 12.21 23.37 16.10
N PRO E 262 12.29 24.70 16.18
CA PRO E 262 13.56 25.43 16.09
C PRO E 262 14.60 24.93 17.09
N GLU E 263 14.15 24.49 18.27
CA GLU E 263 15.05 24.00 19.30
C GLU E 263 15.72 22.68 18.92
N TYR E 264 15.13 21.96 17.98
CA TYR E 264 15.67 20.67 17.53
C TYR E 264 16.67 20.84 16.39
N ALA E 265 16.82 22.08 15.91
CA ALA E 265 17.68 22.36 14.76
C ALA E 265 19.14 21.99 15.04
N LYS E 266 19.55 22.13 16.29
CA LYS E 266 20.94 21.87 16.67
C LYS E 266 21.02 20.75 17.71
N ARG E 267 20.15 19.76 17.58
CA ARG E 267 20.09 18.67 18.54
C ARG E 267 21.18 17.62 18.34
N TYR E 268 21.64 17.47 17.11
CA TYR E 268 22.68 16.48 16.80
C TYR E 268 23.86 17.12 16.08
N PRO E 269 24.72 17.82 16.82
CA PRO E 269 25.85 18.53 16.23
C PRO E 269 27.05 17.62 15.95
N SER E 270 26.99 16.40 16.48
CA SER E 270 28.08 15.44 16.29
C SER E 270 28.16 14.94 14.86
N LYS E 271 29.38 14.81 14.35
CA LYS E 271 29.61 14.37 12.99
C LYS E 271 29.38 12.86 12.84
N LEU E 272 28.66 12.48 11.78
CA LEU E 272 28.44 11.07 11.49
C LEU E 272 29.52 10.54 10.54
N PRO F 47 -22.16 16.35 22.10
CA PRO F 47 -23.11 16.96 23.05
C PRO F 47 -22.42 17.83 24.08
N ASN F 48 -22.89 19.07 24.24
CA ASN F 48 -22.25 20.00 25.16
C ASN F 48 -22.79 19.87 26.58
N VAL F 49 -21.89 19.91 27.55
CA VAL F 49 -22.26 19.79 28.96
C VAL F 49 -22.48 21.17 29.58
N VAL F 50 -23.66 21.36 30.17
CA VAL F 50 -24.00 22.62 30.83
C VAL F 50 -24.07 22.43 32.34
N GLY F 51 -23.40 23.31 33.08
CA GLY F 51 -23.40 23.24 34.54
C GLY F 51 -23.18 24.58 35.21
N ARG F 52 -22.78 24.52 36.48
CA ARG F 52 -22.50 25.73 37.25
C ARG F 52 -21.17 25.60 37.98
N ASP F 53 -20.35 26.65 37.95
CA ASP F 53 -19.06 26.62 38.63
C ASP F 53 -19.22 26.87 40.13
N ALA F 54 -18.10 27.05 40.82
CA ALA F 54 -18.11 27.26 42.26
C ALA F 54 -18.80 28.55 42.64
N ASP F 55 -18.60 29.59 41.83
CA ASP F 55 -19.19 30.89 42.08
C ASP F 55 -20.69 30.89 41.82
N GLY F 56 -21.10 30.25 40.73
CA GLY F 56 -22.50 30.18 40.36
C GLY F 56 -22.71 30.62 38.92
N ASN F 57 -21.62 30.77 38.18
CA ASN F 57 -21.68 31.17 36.79
C ASN F 57 -22.00 30.00 35.87
N VAL F 58 -22.67 30.30 34.76
CA VAL F 58 -22.96 29.30 33.75
C VAL F 58 -21.67 28.75 33.15
N THR F 59 -21.54 27.43 33.12
CA THR F 59 -20.40 26.80 32.47
C THR F 59 -20.88 25.89 31.34
N VAL F 60 -20.13 25.90 30.24
CA VAL F 60 -20.40 25.00 29.12
C VAL F 60 -19.10 24.31 28.73
N ASP F 61 -19.07 22.98 28.89
CA ASP F 61 -17.87 22.17 28.65
C ASP F 61 -16.68 22.65 29.47
N GLY F 62 -16.96 23.05 30.72
CA GLY F 62 -15.91 23.47 31.64
C GLY F 62 -15.59 24.94 31.58
N ARG F 63 -15.91 25.58 30.45
CA ARG F 63 -15.63 27.00 30.25
C ARG F 63 -16.69 27.86 30.90
N SER F 64 -16.27 28.80 31.74
CA SER F 64 -17.20 29.68 32.45
C SER F 64 -17.65 30.85 31.57
N TYR F 65 -18.89 31.29 31.77
CA TYR F 65 -19.42 32.43 31.05
C TYR F 65 -20.13 33.37 32.01
N PRO F 66 -19.35 34.20 32.73
CA PRO F 66 -19.87 35.09 33.78
C PRO F 66 -20.95 36.05 33.29
N MET F 67 -21.03 36.26 31.98
CA MET F 67 -22.01 37.19 31.42
C MET F 67 -23.33 36.51 31.09
N ALA F 68 -23.43 35.22 31.38
CA ALA F 68 -24.61 34.44 31.01
C ALA F 68 -25.57 34.21 32.18
N GLU F 69 -26.86 34.40 31.92
CA GLU F 69 -27.90 34.10 32.88
C GLU F 69 -28.34 32.64 32.72
N SER F 70 -28.39 32.19 31.47
CA SER F 70 -28.77 30.82 31.14
C SER F 70 -28.35 30.50 29.71
N VAL F 71 -28.36 29.22 29.37
CA VAL F 71 -28.03 28.81 28.01
C VAL F 71 -29.29 28.64 27.17
N VAL F 72 -29.43 29.46 26.13
CA VAL F 72 -30.55 29.32 25.21
C VAL F 72 -30.40 28.05 24.39
N ALA F 73 -29.21 27.85 23.84
CA ALA F 73 -28.90 26.65 23.07
C ALA F 73 -27.39 26.44 22.98
N THR F 74 -26.97 25.19 23.07
CA THR F 74 -25.57 24.85 22.93
C THR F 74 -25.20 24.70 21.46
N GLU F 75 -23.91 24.67 21.17
CA GLU F 75 -23.42 24.51 19.80
C GLU F 75 -24.03 23.29 19.12
N SER F 76 -24.07 22.17 19.84
CA SER F 76 -24.59 20.92 19.29
C SER F 76 -26.07 21.08 18.93
N THR F 77 -26.82 21.73 19.79
CA THR F 77 -28.24 22.00 19.54
C THR F 77 -28.40 22.89 18.32
N ILE F 78 -27.58 23.94 18.24
CA ILE F 78 -27.66 24.90 17.14
C ILE F 78 -27.35 24.27 15.80
N HIS F 79 -26.22 23.57 15.73
CA HIS F 79 -25.79 22.97 14.46
C HIS F 79 -26.74 21.86 14.03
N ARG F 80 -27.42 21.24 15.01
CA ARG F 80 -28.42 20.22 14.71
C ARG F 80 -29.60 20.86 13.99
N SER F 81 -30.02 22.02 14.48
CA SER F 81 -31.12 22.76 13.91
C SER F 81 -30.80 23.26 12.51
N MET F 82 -29.56 23.72 12.32
CA MET F 82 -29.13 24.27 11.04
CA MET F 82 -29.13 24.27 11.04
C MET F 82 -29.01 23.17 9.98
N LYS F 83 -28.59 21.98 10.40
CA LYS F 83 -28.50 20.86 9.48
C LYS F 83 -29.89 20.46 8.99
N GLU F 84 -30.84 20.46 9.93
CA GLU F 84 -32.22 20.14 9.60
C GLU F 84 -32.82 21.26 8.75
N MET F 85 -32.45 22.49 9.05
CA MET F 85 -32.92 23.65 8.28
C MET F 85 -32.36 23.62 6.85
N ALA F 86 -31.11 23.21 6.72
CA ALA F 86 -30.47 23.11 5.41
C ALA F 86 -31.21 22.13 4.51
N GLN F 87 -31.63 21.01 5.09
CA GLN F 87 -32.38 20.01 4.33
C GLN F 87 -33.76 20.54 3.98
N THR F 88 -34.37 21.24 4.93
CA THR F 88 -35.67 21.88 4.70
C THR F 88 -35.58 22.88 3.56
N LEU F 89 -34.54 23.72 3.60
CA LEU F 89 -34.28 24.70 2.57
C LEU F 89 -34.00 24.06 1.21
N ALA F 90 -33.25 22.97 1.21
CA ALA F 90 -32.94 22.26 -0.03
C ALA F 90 -34.21 21.71 -0.68
N ASN F 91 -35.06 21.09 0.15
CA ASN F 91 -36.31 20.51 -0.36
C ASN F 91 -37.28 21.56 -0.86
N ALA F 92 -37.14 22.79 -0.36
CA ALA F 92 -38.09 23.85 -0.71
C ALA F 92 -37.65 24.64 -1.93
N TYR F 93 -36.43 24.39 -2.41
CA TYR F 93 -35.89 25.19 -3.51
C TYR F 93 -35.40 24.37 -4.70
N LYS F 94 -35.11 23.09 -4.48
CA LYS F 94 -34.47 22.26 -5.50
C LYS F 94 -35.31 22.06 -6.76
N THR F 95 -36.63 22.01 -6.62
CA THR F 95 -37.49 21.78 -7.77
C THR F 95 -38.05 23.08 -8.34
N LEU F 96 -37.69 24.20 -7.71
CA LEU F 96 -38.17 25.50 -8.16
C LEU F 96 -37.44 25.98 -9.40
N LYS F 97 -38.07 26.89 -10.14
CA LYS F 97 -37.49 27.45 -11.35
CA LYS F 97 -37.48 27.46 -11.33
C LYS F 97 -37.63 28.98 -11.36
N HIS F 98 -36.59 29.67 -11.78
CA HIS F 98 -36.61 31.13 -11.86
C HIS F 98 -35.97 31.63 -13.15
N ARG F 99 -35.80 32.94 -13.27
CA ARG F 99 -35.30 33.54 -14.50
C ARG F 99 -33.88 33.06 -14.82
N ASP F 100 -33.68 32.67 -16.08
CA ASP F 100 -32.38 32.23 -16.56
C ASP F 100 -31.51 33.43 -16.91
N THR F 101 -30.37 33.56 -16.23
CA THR F 101 -29.47 34.67 -16.50
C THR F 101 -28.14 34.21 -17.10
N HIS F 102 -27.92 32.89 -17.13
CA HIS F 102 -26.74 32.35 -17.80
C HIS F 102 -26.97 32.42 -19.31
N ASN F 103 -28.16 32.02 -19.74
CA ASN F 103 -28.56 32.13 -21.13
C ASN F 103 -29.85 32.93 -21.26
N LYS F 104 -29.74 34.26 -21.15
CA LYS F 104 -30.91 35.14 -21.14
C LYS F 104 -31.55 35.31 -22.51
N GLY F 105 -31.20 34.44 -23.45
CA GLY F 105 -31.81 34.46 -24.77
C GLY F 105 -33.26 34.07 -24.69
N ASN F 106 -33.53 32.94 -24.04
CA ASN F 106 -34.90 32.48 -23.84
C ASN F 106 -35.53 33.15 -22.63
N SER F 107 -36.87 33.08 -22.55
CA SER F 107 -37.59 33.63 -21.41
C SER F 107 -38.22 32.52 -20.58
N ALA F 108 -37.93 31.27 -20.95
CA ALA F 108 -38.43 30.12 -20.20
C ALA F 108 -37.62 29.95 -18.91
N LEU F 109 -38.33 29.65 -17.82
CA LEU F 109 -37.70 29.51 -16.51
C LEU F 109 -36.67 28.38 -16.49
N ALA F 110 -35.65 28.54 -15.66
CA ALA F 110 -34.59 27.54 -15.53
C ALA F 110 -34.49 27.05 -14.09
N PRO F 111 -34.13 25.76 -13.90
CA PRO F 111 -33.97 25.20 -12.57
C PRO F 111 -32.78 25.81 -11.83
N ILE F 112 -32.84 25.77 -10.49
CA ILE F 112 -31.74 26.27 -9.67
C ILE F 112 -30.52 25.36 -9.77
N THR F 113 -29.52 25.82 -10.53
CA THR F 113 -28.27 25.09 -10.72
C THR F 113 -27.10 26.01 -10.43
N ASP F 114 -25.88 25.55 -10.68
CA ASP F 114 -24.70 26.40 -10.52
C ASP F 114 -24.74 27.56 -11.51
N GLU F 115 -25.50 27.37 -12.59
CA GLU F 115 -25.63 28.39 -13.62
C GLU F 115 -26.61 29.47 -13.18
N ASN F 116 -27.68 29.06 -12.51
CA ASN F 116 -28.64 30.01 -11.94
C ASN F 116 -28.98 29.68 -10.49
N PRO F 117 -28.04 29.96 -9.58
CA PRO F 117 -28.14 29.56 -8.17
C PRO F 117 -29.18 30.32 -7.38
N LEU F 118 -29.51 29.80 -6.20
CA LEU F 118 -30.32 30.54 -5.25
C LEU F 118 -29.56 31.77 -4.81
N ILE F 119 -30.22 32.92 -4.83
CA ILE F 119 -29.59 34.18 -4.43
C ILE F 119 -29.79 34.39 -2.93
N ILE F 120 -28.70 34.26 -2.18
CA ILE F 120 -28.79 34.44 -0.73
C ILE F 120 -28.25 35.81 -0.31
N ILE F 121 -29.08 36.55 0.41
CA ILE F 121 -28.69 37.86 0.93
C ILE F 121 -28.47 37.78 2.43
N SER F 122 -27.22 37.98 2.85
CA SER F 122 -26.87 37.92 4.26
C SER F 122 -26.80 39.32 4.87
N VAL F 123 -27.34 39.47 6.09
CA VAL F 123 -27.36 40.77 6.73
C VAL F 123 -26.21 40.95 7.71
N LEU F 124 -25.29 41.84 7.37
CA LEU F 124 -24.16 42.18 8.24
C LEU F 124 -24.65 42.95 9.47
N LYS F 125 -24.01 42.73 10.61
CA LYS F 125 -22.85 41.84 10.72
C LYS F 125 -23.19 40.52 11.41
N GLY F 126 -24.23 40.55 12.24
CA GLY F 126 -24.54 39.43 13.12
C GLY F 126 -24.93 38.11 12.49
N SER F 127 -24.99 38.04 11.17
CA SER F 127 -25.42 36.83 10.48
CA SER F 127 -25.42 36.82 10.51
C SER F 127 -24.29 36.17 9.69
N TYR F 128 -23.10 36.77 9.72
CA TYR F 128 -22.01 36.27 8.89
C TYR F 128 -21.51 34.89 9.35
N ILE F 129 -21.54 34.63 10.66
CA ILE F 129 -21.17 33.31 11.16
C ILE F 129 -22.27 32.32 10.84
N PHE F 130 -23.51 32.72 11.09
CA PHE F 130 -24.68 31.92 10.77
C PHE F 130 -24.73 31.55 9.29
N THR F 131 -24.42 32.52 8.44
CA THR F 131 -24.41 32.31 7.00
C THR F 131 -23.30 31.33 6.58
N ALA F 132 -22.09 31.56 7.07
CA ALA F 132 -20.93 30.74 6.71
C ALA F 132 -21.18 29.26 7.02
N ASP F 133 -21.80 28.98 8.15
CA ASP F 133 -22.10 27.62 8.54
C ASP F 133 -23.23 27.04 7.70
N MET F 134 -24.23 27.87 7.40
CA MET F 134 -25.43 27.41 6.70
C MET F 134 -25.18 27.13 5.23
N VAL F 135 -24.38 27.97 4.58
CA VAL F 135 -24.11 27.80 3.15
C VAL F 135 -23.31 26.53 2.92
N ARG F 136 -22.55 26.11 3.92
CA ARG F 136 -21.79 24.87 3.82
C ARG F 136 -22.70 23.66 4.01
N TYR F 137 -23.70 23.81 4.87
CA TYR F 137 -24.72 22.79 5.06
C TYR F 137 -25.57 22.62 3.81
N LEU F 138 -25.87 23.74 3.15
CA LEU F 138 -26.60 23.72 1.88
C LEU F 138 -25.79 23.06 0.79
N GLY F 139 -24.47 23.19 0.87
CA GLY F 139 -23.58 22.52 -0.06
C GLY F 139 -23.67 21.02 0.11
N ASP F 140 -23.80 20.59 1.37
CA ASP F 140 -23.96 19.17 1.67
C ASP F 140 -25.28 18.64 1.14
N CYS F 141 -26.30 19.50 1.10
CA CYS F 141 -27.62 19.09 0.61
C CYS F 141 -27.75 19.34 -0.90
N GLY F 142 -26.66 19.78 -1.52
CA GLY F 142 -26.62 19.96 -2.96
C GLY F 142 -27.46 21.10 -3.50
N LEU F 143 -27.63 22.14 -2.71
CA LEU F 143 -28.40 23.30 -3.15
C LEU F 143 -27.49 24.45 -3.60
N PRO F 144 -27.42 24.68 -4.92
CA PRO F 144 -26.55 25.72 -5.48
C PRO F 144 -26.95 27.11 -4.98
N ASN F 145 -25.98 27.87 -4.51
CA ASN F 145 -26.25 29.19 -3.96
C ASN F 145 -25.06 30.14 -4.04
N VAL F 146 -25.37 31.42 -4.13
CA VAL F 146 -24.36 32.47 -4.07
C VAL F 146 -24.76 33.47 -3.00
N VAL F 147 -23.78 34.11 -2.38
CA VAL F 147 -24.06 35.00 -1.25
C VAL F 147 -23.56 36.42 -1.48
N ASP F 148 -24.43 37.39 -1.22
CA ASP F 148 -24.02 38.79 -1.15
C ASP F 148 -24.46 39.36 0.18
N PHE F 149 -23.72 40.36 0.66
CA PHE F 149 -24.01 40.93 1.97
C PHE F 149 -24.67 42.30 1.87
N ILE F 150 -25.30 42.71 2.97
CA ILE F 150 -25.86 44.04 3.11
C ILE F 150 -25.89 44.39 4.59
N ARG F 151 -25.43 45.59 4.95
CA ARG F 151 -25.52 46.02 6.34
C ARG F 151 -26.70 46.95 6.53
N ILE F 152 -27.36 46.83 7.69
CA ILE F 152 -28.62 47.51 7.93
C ILE F 152 -28.45 49.02 8.15
N THR F 153 -29.53 49.76 7.90
CA THR F 153 -29.53 51.21 8.07
C THR F 153 -30.76 51.67 8.83
N ASP F 169 -22.44 48.74 2.09
CA ASP F 169 -23.63 48.98 2.89
C ASP F 169 -24.87 48.44 2.16
N ASN F 170 -24.73 48.25 0.85
CA ASN F 170 -25.84 47.73 0.04
C ASN F 170 -25.36 46.62 -0.89
N LEU F 171 -26.31 45.92 -1.51
CA LEU F 171 -26.01 44.82 -2.42
C LEU F 171 -25.11 45.23 -3.57
N ARG F 172 -24.32 44.28 -4.06
CA ARG F 172 -23.56 44.47 -5.29
C ARG F 172 -24.20 43.68 -6.42
N PHE F 173 -24.99 42.66 -6.06
CA PHE F 173 -25.80 41.93 -7.04
C PHE F 173 -26.84 42.86 -7.64
N THR F 174 -27.01 42.81 -8.95
CA THR F 174 -27.93 43.71 -9.63
C THR F 174 -29.03 42.97 -10.37
N GLU F 175 -28.88 41.65 -10.50
CA GLU F 175 -29.84 40.84 -11.25
C GLU F 175 -30.64 39.91 -10.35
N LEU F 176 -31.57 40.47 -9.59
CA LEU F 176 -32.41 39.68 -8.70
C LEU F 176 -33.82 39.54 -9.24
N THR F 177 -34.11 40.26 -10.33
CA THR F 177 -35.43 40.22 -10.94
C THR F 177 -35.75 38.85 -11.50
N GLY F 178 -36.86 38.28 -11.06
CA GLY F 178 -37.29 36.97 -11.52
C GLY F 178 -36.51 35.85 -10.89
N LYS F 179 -35.78 36.16 -9.82
CA LYS F 179 -34.96 35.18 -9.13
C LYS F 179 -35.57 34.75 -7.81
N HIS F 180 -35.18 33.57 -7.34
CA HIS F 180 -35.53 33.13 -6.00
C HIS F 180 -34.49 33.68 -5.03
N VAL F 181 -34.94 34.57 -4.15
CA VAL F 181 -34.03 35.23 -3.23
C VAL F 181 -34.32 34.85 -1.78
N LEU F 182 -33.27 34.45 -1.07
CA LEU F 182 -33.40 34.08 0.33
C LEU F 182 -32.58 35.02 1.20
N ILE F 183 -33.26 35.78 2.06
CA ILE F 183 -32.57 36.62 3.02
C ILE F 183 -32.23 35.80 4.25
N MET F 184 -30.99 35.90 4.70
CA MET F 184 -30.55 35.18 5.89
CA MET F 184 -30.55 35.18 5.90
C MET F 184 -30.19 36.15 7.02
N GLU F 185 -31.06 36.23 8.02
CA GLU F 185 -30.87 37.15 9.14
C GLU F 185 -30.62 36.40 10.45
N ASP F 186 -29.83 37.00 11.33
CA ASP F 186 -29.52 36.39 12.62
C ASP F 186 -30.74 36.27 13.52
N ILE F 187 -31.52 37.34 13.64
CA ILE F 187 -32.65 37.33 14.58
C ILE F 187 -33.81 38.22 14.16
N ALA F 188 -35.02 37.76 14.46
CA ALA F 188 -36.22 38.58 14.30
C ALA F 188 -36.86 38.79 15.66
N ASP F 189 -37.00 40.04 16.06
CA ASP F 189 -37.60 40.38 17.35
C ASP F 189 -38.91 41.12 17.13
N THR F 190 -38.84 42.44 16.95
CA THR F 190 -40.01 43.26 16.66
C THR F 190 -40.46 43.04 15.22
N GLY F 191 -39.57 42.51 14.40
CA GLY F 191 -39.88 42.18 13.02
C GLY F 191 -39.93 43.39 12.11
N ARG F 192 -39.55 44.56 12.63
CA ARG F 192 -39.59 45.78 11.85
C ARG F 192 -38.44 45.83 10.84
N THR F 193 -37.26 45.40 11.25
CA THR F 193 -36.09 45.40 10.39
C THR F 193 -36.32 44.57 9.12
N MET F 194 -36.75 43.33 9.30
CA MET F 194 -36.99 42.44 8.17
C MET F 194 -38.17 42.88 7.32
N LYS F 195 -39.25 43.33 7.96
CA LYS F 195 -40.43 43.82 7.25
C LYS F 195 -40.06 44.91 6.27
N LEU F 196 -39.19 45.82 6.70
CA LEU F 196 -38.72 46.90 5.86
C LEU F 196 -37.73 46.42 4.81
N LEU F 197 -36.84 45.50 5.20
CA LEU F 197 -35.86 44.96 4.27
C LEU F 197 -36.55 44.15 3.18
N VAL F 198 -37.58 43.39 3.56
CA VAL F 198 -38.33 42.59 2.60
C VAL F 198 -39.05 43.48 1.58
N GLU F 199 -39.71 44.51 2.07
CA GLU F 199 -40.44 45.43 1.19
C GLU F 199 -39.47 46.17 0.26
N LYS F 200 -38.30 46.50 0.78
CA LYS F 200 -37.26 47.16 -0.01
C LYS F 200 -36.83 46.28 -1.19
N ILE F 201 -36.42 45.06 -0.89
CA ILE F 201 -35.97 44.12 -1.92
C ILE F 201 -37.04 43.85 -2.98
N ARG F 202 -38.28 43.69 -2.53
CA ARG F 202 -39.39 43.42 -3.45
C ARG F 202 -39.61 44.58 -4.40
N ARG F 203 -39.66 45.80 -3.85
CA ARG F 203 -39.94 46.98 -4.65
C ARG F 203 -38.76 47.36 -5.55
N GLU F 204 -37.55 47.07 -5.09
CA GLU F 204 -36.35 47.45 -5.83
C GLU F 204 -35.96 46.44 -6.91
N TYR F 205 -36.10 45.15 -6.62
CA TYR F 205 -35.59 44.12 -7.53
C TYR F 205 -36.67 43.25 -8.17
N ARG F 206 -37.84 43.18 -7.53
CA ARG F 206 -38.96 42.38 -8.03
C ARG F 206 -38.58 40.91 -8.25
N PRO F 207 -38.21 40.19 -7.18
CA PRO F 207 -37.78 38.80 -7.35
C PRO F 207 -38.96 37.85 -7.53
N ALA F 208 -38.71 36.66 -8.07
CA ALA F 208 -39.75 35.65 -8.24
C ALA F 208 -40.33 35.27 -6.88
N SER F 209 -39.44 35.09 -5.91
CA SER F 209 -39.84 34.79 -4.55
C SER F 209 -38.86 35.40 -3.56
N LEU F 210 -39.36 35.83 -2.41
CA LEU F 210 -38.50 36.38 -1.37
C LEU F 210 -38.89 35.81 -0.02
N LYS F 211 -38.08 34.89 0.48
CA LYS F 211 -38.32 34.29 1.77
C LYS F 211 -37.21 34.66 2.74
N VAL F 212 -37.47 34.50 4.03
CA VAL F 212 -36.51 34.87 5.06
C VAL F 212 -36.20 33.68 5.95
N CYS F 213 -34.91 33.40 6.12
CA CYS F 213 -34.45 32.41 7.07
C CYS F 213 -33.77 33.10 8.25
N VAL F 214 -34.18 32.75 9.46
CA VAL F 214 -33.59 33.33 10.66
C VAL F 214 -33.06 32.27 11.60
N LEU F 215 -31.94 32.58 12.26
CA LEU F 215 -31.35 31.67 13.23
C LEU F 215 -32.19 31.63 14.49
N VAL F 216 -32.52 32.81 15.02
CA VAL F 216 -33.33 32.93 16.22
C VAL F 216 -34.57 33.76 15.94
N ASP F 217 -35.74 33.23 16.31
CA ASP F 217 -36.97 34.00 16.21
C ASP F 217 -37.51 34.31 17.60
N LYS F 218 -37.91 35.57 17.80
CA LYS F 218 -38.57 35.97 19.03
C LYS F 218 -39.94 36.55 18.70
N PRO F 219 -40.92 35.68 18.39
CA PRO F 219 -42.24 36.12 17.93
C PRO F 219 -43.05 36.82 19.02
N GLY F 220 -42.67 36.63 20.28
CA GLY F 220 -43.35 37.28 21.38
C GLY F 220 -42.99 38.75 21.47
N GLY F 221 -42.02 39.17 20.67
CA GLY F 221 -41.59 40.56 20.67
C GLY F 221 -42.09 41.33 19.47
N ARG F 222 -42.90 40.67 18.64
CA ARG F 222 -43.45 41.30 17.44
C ARG F 222 -44.26 42.54 17.74
N VAL F 223 -44.03 43.59 16.97
CA VAL F 223 -44.86 44.79 17.03
C VAL F 223 -45.50 45.00 15.67
N VAL F 224 -44.95 44.34 14.65
CA VAL F 224 -45.51 44.35 13.31
C VAL F 224 -45.67 42.92 12.81
N ASP F 225 -46.48 42.75 11.77
CA ASP F 225 -46.77 41.42 11.24
C ASP F 225 -45.66 40.94 10.31
N PHE F 226 -44.69 40.22 10.87
CA PHE F 226 -43.65 39.59 10.08
C PHE F 226 -43.44 38.14 10.51
N LYS F 227 -43.60 37.21 9.58
CA LYS F 227 -43.37 35.80 9.87
C LYS F 227 -42.32 35.23 8.94
N PRO F 228 -41.12 34.96 9.48
CA PRO F 228 -40.05 34.33 8.71
C PRO F 228 -40.42 32.90 8.32
N GLU F 229 -40.22 32.56 7.05
CA GLU F 229 -40.64 31.28 6.51
C GLU F 229 -39.78 30.14 7.04
N PHE F 230 -38.57 30.46 7.47
CA PHE F 230 -37.63 29.47 7.98
C PHE F 230 -37.03 29.91 9.30
N VAL F 231 -37.22 29.09 10.33
CA VAL F 231 -36.73 29.40 11.67
C VAL F 231 -35.97 28.22 12.26
N CYS F 232 -34.72 28.46 12.64
CA CYS F 232 -33.90 27.42 13.25
C CYS F 232 -34.21 27.27 14.73
N LEU F 233 -34.17 28.39 15.45
CA LEU F 233 -34.44 28.37 16.89
C LEU F 233 -35.48 29.41 17.28
N THR F 234 -36.31 29.07 18.25
CA THR F 234 -37.28 30.02 18.80
C THR F 234 -36.93 30.29 20.26
N ALA F 235 -36.82 31.57 20.59
CA ALA F 235 -36.39 31.98 21.93
C ALA F 235 -37.41 32.93 22.55
N PRO F 236 -37.42 33.00 23.89
CA PRO F 236 -38.29 33.96 24.59
C PRO F 236 -37.84 35.40 24.38
N THR F 237 -38.67 36.34 24.83
CA THR F 237 -38.37 37.76 24.68
C THR F 237 -37.27 38.23 25.62
N ARG F 238 -36.07 37.66 25.44
CA ARG F 238 -34.90 38.08 26.21
C ARG F 238 -33.75 38.39 25.27
N TYR F 239 -32.85 39.26 25.71
CA TYR F 239 -31.69 39.61 24.91
C TYR F 239 -30.67 38.47 24.97
N VAL F 240 -30.31 37.94 23.81
CA VAL F 240 -29.35 36.84 23.77
C VAL F 240 -27.99 37.29 23.23
N VAL F 241 -26.95 36.56 23.64
CA VAL F 241 -25.61 36.80 23.14
C VAL F 241 -24.96 35.47 22.77
N GLY F 242 -23.90 35.53 21.96
CA GLY F 242 -23.20 34.34 21.54
C GLY F 242 -23.55 33.94 20.13
N TYR F 243 -22.61 33.30 19.44
CA TYR F 243 -22.81 32.81 18.08
C TYR F 243 -23.45 33.85 17.16
N GLY F 244 -22.75 34.95 16.95
CA GLY F 244 -23.24 36.01 16.09
C GLY F 244 -23.90 37.15 16.84
N PHE F 245 -24.48 36.83 17.99
CA PHE F 245 -25.15 37.84 18.81
C PHE F 245 -24.16 38.44 19.81
N GLU F 246 -24.36 39.70 20.15
CA GLU F 246 -23.35 40.43 20.89
C GLU F 246 -23.87 41.59 21.72
N VAL F 247 -22.99 42.13 22.55
CA VAL F 247 -23.20 43.42 23.21
C VAL F 247 -22.00 44.30 22.89
N ASN F 248 -22.21 45.28 22.02
CA ASN F 248 -21.13 46.09 21.46
C ASN F 248 -20.00 45.21 20.95
N ASP F 249 -20.36 44.26 20.10
CA ASP F 249 -19.42 43.36 19.42
C ASP F 249 -18.70 42.39 20.35
N ARG F 250 -19.04 42.38 21.63
CA ARG F 250 -18.51 41.40 22.57
C ARG F 250 -19.30 40.10 22.50
N TYR F 251 -18.62 38.98 22.74
CA TYR F 251 -19.24 37.66 22.87
C TYR F 251 -19.75 37.10 21.53
N ARG F 252 -19.52 37.82 20.45
CA ARG F 252 -20.03 37.42 19.14
C ARG F 252 -19.42 36.11 18.64
N ASN F 253 -18.21 35.80 19.09
CA ASN F 253 -17.48 34.63 18.59
C ASN F 253 -17.70 33.37 19.43
N TYR F 254 -18.61 33.44 20.39
CA TYR F 254 -18.87 32.29 21.25
C TYR F 254 -19.64 31.22 20.48
N ARG F 255 -19.57 29.98 20.95
CA ARG F 255 -20.13 28.86 20.20
C ARG F 255 -21.55 28.53 20.65
N HIS F 256 -21.99 29.17 21.73
CA HIS F 256 -23.30 28.91 22.29
C HIS F 256 -24.10 30.20 22.43
N VAL F 257 -25.42 30.08 22.47
CA VAL F 257 -26.27 31.24 22.67
C VAL F 257 -26.77 31.29 24.12
N PHE F 258 -26.50 32.42 24.78
CA PHE F 258 -26.86 32.58 26.19
C PHE F 258 -27.86 33.72 26.37
N VAL F 259 -28.62 33.66 27.46
CA VAL F 259 -29.36 34.82 27.90
C VAL F 259 -28.41 35.71 28.68
N LEU F 260 -28.24 36.94 28.20
CA LEU F 260 -27.36 37.89 28.86
C LEU F 260 -27.97 38.39 30.17
N LYS F 261 -27.15 38.46 31.21
CA LYS F 261 -27.59 39.05 32.47
C LYS F 261 -27.67 40.57 32.30
N PRO F 262 -28.79 41.17 32.74
CA PRO F 262 -29.06 42.60 32.64
C PRO F 262 -27.94 43.50 33.17
N GLU F 263 -27.12 42.96 34.07
CA GLU F 263 -25.96 43.69 34.59
C GLU F 263 -24.96 44.01 33.48
N TYR F 264 -24.83 43.07 32.55
CA TYR F 264 -23.85 43.20 31.47
C TYR F 264 -24.37 44.02 30.29
N ALA F 265 -25.59 44.52 30.41
CA ALA F 265 -26.24 45.24 29.32
C ALA F 265 -25.43 46.43 28.82
N LYS F 266 -24.74 47.10 29.74
CA LYS F 266 -23.97 48.29 29.37
C LYS F 266 -22.61 48.32 30.05
N ARG F 267 -21.92 47.18 30.07
CA ARG F 267 -20.60 47.11 30.68
C ARG F 267 -19.50 47.54 29.71
N TYR F 268 -19.84 47.68 28.44
CA TYR F 268 -18.89 48.19 27.45
C TYR F 268 -19.52 49.27 26.57
N PRO F 269 -19.71 50.47 27.13
CA PRO F 269 -20.41 51.56 26.45
C PRO F 269 -19.55 52.39 25.51
N SER F 270 -18.23 52.31 25.67
CA SER F 270 -17.31 53.10 24.85
C SER F 270 -17.36 52.69 23.39
N LYS F 271 -17.34 53.66 22.49
CA LYS F 271 -17.47 53.41 21.06
C LYS F 271 -16.24 52.71 20.48
N LEU F 272 -16.49 51.70 19.64
CA LEU F 272 -15.41 50.99 18.96
C LEU F 272 -15.05 51.68 17.64
#